data_7EU9
#
_entry.id   7EU9
#
_cell.length_a   127.064
_cell.length_b   141.577
_cell.length_c   208.517
_cell.angle_alpha   90.000
_cell.angle_beta   90.000
_cell.angle_gamma   90.000
#
_symmetry.space_group_name_H-M   'C 2 2 21'
#
loop_
_entity.id
_entity.type
_entity.pdbx_description
1 polymer 'Cas12i1 D647A mutant'
2 polymer 'RNA (43-MER)'
3 polymer 'DNA (31-MER)'
4 polymer 'DNA (24-MER)'
5 non-polymer 'CITRIC ACID'
6 water water
#
loop_
_entity_poly.entity_id
_entity_poly.type
_entity_poly.pdbx_seq_one_letter_code
_entity_poly.pdbx_strand_id
1 'polypeptide(L)'
;(MSE)SNKEKNASETRKAYTTK(MSE)IPRSHDR(MSE)KLLGNF(MSE)DYL(MSE)DGTPIFFELWNQFGGGIDRDII
SGTANKDKISDDLLLAVNWFKV(MSE)PINSKPQGVSPSNLANLFQQYSGSEPDIQAQEYFASNFDTEKHQWKD(MSE)R
VEYERLLAELQLSRSD(MSE)HHDLKL(MSE)YKEKCIGLSLSTAHYITSV(MSE)FGTGAKNNRQTKHQFYSKVIQLLE
ESTQINSVEQLASIILKAGDCDSYRKLRIRCSRKGATPSILKIVQDYELGTNHDDEVNVPSLIANLKEKLGRFEYECEWK
C(MSE)EKIKAFLASKVGPYYLGSYSA(MSE)LENALSPIKG(MSE)TTKNCKFVLKQIDAKNDIKYENEPFGKIVEGFF
DSPYFESDTNVKWVLHPHHIGESNIKTLWEDLNAIHSKYEEDIASLSEDKKEKRIKVYQGDVCQTINTYCEEVGKEAKTP
LVQLLRYLYSRKDDIAVDKIIDGITFLSKKHKVEKQKINPVIQKYPSFNFGNNSKLLGKIISPKDKLKHNLKCNRNQVDN
YIWIEIKVLNTKT(MSE)RWEKHHYALSSTRFLEEVYYPATSENPPDALAARFRTKTNGYEGKPALSAEQIEQIRSAPVG
LRKVKKRQ(MSE)RLEAARQQNLLPRYTWGKDFNINICKRGNNFEVTLATKVKKKKEKNYKVVLGYAANIVRKNTYAAIE
AHANGDGVIDYNDLPVKPIESGFVTVESQVRDKSYDQLSYNGVKLLYCKPHVESRRSFLEKYRNGT(MSE)KDNRGNNIQ
IDF(MSE)KDFEAIADDETSLYYFN(MSE)KYCKLLQSSIRNHSSQAKEYREEIFELLRDGKLSVLKLSSLSNLSFV
(MSE)FKVAKSLIGTYFGHLLKKPKNSKSDVKAPPITDEDKQKADPE(MSE)FALRLALEEKRLNKVKSKKEVIANKIVA
KALELRDKYGPVLIKGENISDTTKKGKKSSTNSFL(MSE)DWLARGVANKVKE(MSE)V(MSE)(MSE)HQGLEFVEVNP
NFTSHQDPFVHKNPENTFRARYSRCTPSELTEKNRKEILSFLSDKPSKRPTNAYYNEGA(MSE)AFLATYGLKKNDVLGV
SLEKFKQI(MSE)ANILHQRSEDQLLFPSRGG(MSE)FYLATYKLDADATSVNWNGKQFWVCNADLVAAYNVGLVDIQKD
FKKKLEHHHHHH
;
A
2 'polyribonucleotide' AUUUUUGUGCCCAUCGUUGGCACUAUUAAGGAAUGGAAUAUAG B
3 'polydeoxyribonucleotide'
;(DG)(DG)(DG)(DG)(DG)(DA)(DG)(DC)(DT)(DT)(DG)(DC)(DT)(DA)(DT)(DA)(DT)(DT)(DC)(DC)
(DA)(DT)(DT)(DC)(DC)(DT)(DT)(DA)(DA)(DT)(DA)(DG)(DA)(DA)(DC)(DT)(DA)(DG)(DA)(DC)
;
C
4 'polydeoxyribonucleotide'
;(DG)(DT)(DC)(DT)(DA)(DG)(DT)(DT)(DC)(DT)(DA)(DT)(DT)(DA)(DA)(DA)(DA)(DG)(DG)(DC)
(DA)(DA)(DG)(DG)(DC)(DG)(DC)(DT)(DA)(DC)(DA)(DA)(DG)(DC)(DT)(DC)(DC)(DC)(DC)(DC)
;
D
#
loop_
_chem_comp.id
_chem_comp.type
_chem_comp.name
_chem_comp.formula
A RNA linking ADENOSINE-5'-MONOPHOSPHATE 'C10 H14 N5 O7 P'
C RNA linking CYTIDINE-5'-MONOPHOSPHATE 'C9 H14 N3 O8 P'
CIT non-polymer 'CITRIC ACID' 'C6 H8 O7'
DA DNA linking 2'-DEOXYADENOSINE-5'-MONOPHOSPHATE 'C10 H14 N5 O6 P'
DC DNA linking 2'-DEOXYCYTIDINE-5'-MONOPHOSPHATE 'C9 H14 N3 O7 P'
DG DNA linking 2'-DEOXYGUANOSINE-5'-MONOPHOSPHATE 'C10 H14 N5 O7 P'
DT DNA linking THYMIDINE-5'-MONOPHOSPHATE 'C10 H15 N2 O8 P'
G RNA linking GUANOSINE-5'-MONOPHOSPHATE 'C10 H14 N5 O8 P'
U RNA linking URIDINE-5'-MONOPHOSPHATE 'C9 H13 N2 O9 P'
#
# COMPACT_ATOMS: atom_id res chain seq x y z
N ASN A 7 10.43 -7.34 20.26
CA ASN A 7 9.68 -8.27 21.19
C ASN A 7 8.21 -7.82 21.30
N ALA A 8 7.99 -6.67 21.96
CA ALA A 8 6.65 -6.08 22.13
C ALA A 8 6.14 -5.56 20.78
N SER A 9 4.82 -5.62 20.60
CA SER A 9 4.14 -5.17 19.37
C SER A 9 2.99 -4.24 19.78
N GLU A 10 2.73 -3.21 18.95
CA GLU A 10 1.68 -2.23 19.18
C GLU A 10 1.01 -1.82 17.86
N THR A 11 -0.33 -1.80 17.84
CA THR A 11 -1.09 -1.05 16.85
C THR A 11 -2.23 -0.34 17.57
N ARG A 12 -3.11 0.28 16.79
CA ARG A 12 -4.29 0.86 17.30
C ARG A 12 -5.46 0.30 16.49
N LYS A 13 -6.62 0.23 17.15
CA LYS A 13 -7.86 0.02 16.50
C LYS A 13 -8.68 1.28 16.76
N ALA A 14 -9.18 1.89 15.67
CA ALA A 14 -10.03 3.07 15.76
C ALA A 14 -11.49 2.69 15.49
N TYR A 15 -12.40 3.49 16.08
CA TYR A 15 -13.81 3.47 15.83
C TYR A 15 -14.22 4.88 15.38
N THR A 16 -14.81 5.01 14.19
CA THR A 16 -15.40 6.23 13.77
C THR A 16 -16.73 6.36 14.53
N THR A 17 -17.19 7.60 14.65
CA THR A 17 -18.42 7.91 15.28
C THR A 17 -19.04 9.12 14.58
N LYS A 18 -20.33 9.31 14.87
CA LYS A 18 -21.10 10.45 14.50
C LYS A 18 -21.31 11.31 15.75
N MSE A 19 -21.07 12.60 15.61
CA MSE A 19 -21.36 13.54 16.67
C MSE A 19 -22.87 13.77 16.65
O MSE A 19 -23.45 14.04 15.61
CB MSE A 19 -20.61 14.84 16.40
CG MSE A 19 -21.07 15.99 17.29
SE MSE A 19 -20.16 15.70 19.00
CE MSE A 19 -18.49 16.72 18.72
N ILE A 20 -23.47 13.72 17.82
CA ILE A 20 -24.86 13.97 18.01
C ILE A 20 -24.91 15.30 18.73
N PRO A 21 -25.09 16.38 18.02
CA PRO A 21 -25.04 17.67 18.68
C PRO A 21 -26.02 17.97 19.77
N ARG A 22 -25.58 18.88 20.62
CA ARG A 22 -26.33 19.43 21.70
C ARG A 22 -26.85 20.78 21.22
N SER A 23 -27.08 21.70 22.12
CA SER A 23 -27.58 22.99 21.66
C SER A 23 -26.62 23.78 20.83
N HIS A 24 -27.17 24.56 19.92
CA HIS A 24 -26.42 25.46 19.05
C HIS A 24 -25.31 26.14 19.85
N ASP A 25 -25.60 26.67 21.03
CA ASP A 25 -24.64 27.49 21.77
C ASP A 25 -23.50 26.60 22.34
N ARG A 26 -23.80 25.36 22.78
CA ARG A 26 -22.73 24.48 23.29
C ARG A 26 -21.85 23.98 22.14
N MSE A 27 -22.43 23.68 20.97
CA MSE A 27 -21.64 23.20 19.85
C MSE A 27 -20.82 24.35 19.26
O MSE A 27 -19.78 24.11 18.66
CB MSE A 27 -22.50 22.64 18.71
CG MSE A 27 -23.37 21.47 19.15
SE MSE A 27 -22.38 20.16 20.23
CE MSE A 27 -21.55 19.27 18.69
N LYS A 28 -21.32 25.58 19.42
CA LYS A 28 -20.62 26.79 19.00
C LYS A 28 -19.35 26.94 19.84
N LEU A 29 -19.46 26.77 21.16
CA LEU A 29 -18.29 26.85 22.06
C LEU A 29 -17.20 25.83 21.61
N LEU A 30 -17.54 24.55 21.41
CA LEU A 30 -16.53 23.54 20.95
C LEU A 30 -16.01 23.96 19.58
N GLY A 31 -16.90 24.38 18.69
CA GLY A 31 -16.52 24.91 17.40
C GLY A 31 -15.43 25.96 17.50
N ASN A 32 -15.67 26.94 18.38
CA ASN A 32 -14.76 28.05 18.61
C ASN A 32 -13.42 27.52 19.12
N PHE A 33 -13.45 26.50 19.99
CA PHE A 33 -12.18 26.02 20.54
C PHE A 33 -11.39 25.35 19.43
N MSE A 34 -12.09 24.56 18.59
CA MSE A 34 -11.43 23.80 17.56
C MSE A 34 -10.85 24.77 16.53
O MSE A 34 -9.79 24.48 16.00
CB MSE A 34 -12.35 22.86 16.86
CG MSE A 34 -12.88 21.85 17.84
SE MSE A 34 -11.46 20.61 18.25
CE MSE A 34 -11.03 19.87 16.50
N ASP A 35 -11.55 25.89 16.26
CA ASP A 35 -11.08 26.91 15.34
C ASP A 35 -9.89 27.69 15.94
N TYR A 36 -9.91 27.93 17.25
CA TYR A 36 -8.76 28.51 17.92
C TYR A 36 -7.50 27.63 17.69
N LEU A 37 -7.60 26.31 17.89
CA LEU A 37 -6.42 25.45 17.78
C LEU A 37 -5.95 25.39 16.34
N MSE A 38 -6.90 25.30 15.42
CA MSE A 38 -6.57 25.25 14.01
C MSE A 38 -5.87 26.53 13.57
O MSE A 38 -4.82 26.47 12.91
CB MSE A 38 -7.82 25.05 13.18
CG MSE A 38 -8.30 23.60 13.16
SE MSE A 38 -9.51 23.25 11.64
CE MSE A 38 -8.72 24.47 10.33
N ASP A 39 -6.42 27.69 13.99
CA ASP A 39 -5.90 28.98 13.57
C ASP A 39 -4.53 29.21 14.19
N GLY A 40 -4.26 28.63 15.35
CA GLY A 40 -2.94 28.85 16.00
C GLY A 40 -1.79 28.03 15.40
N THR A 41 -2.11 26.84 14.88
CA THR A 41 -1.15 25.86 14.39
C THR A 41 -0.14 26.43 13.39
N PRO A 42 -0.53 27.21 12.34
CA PRO A 42 0.44 27.81 11.41
C PRO A 42 1.47 28.77 12.00
N ILE A 43 1.17 29.37 13.15
CA ILE A 43 2.12 30.18 13.90
C ILE A 43 3.25 29.28 14.43
N PHE A 44 2.92 28.10 14.95
CA PHE A 44 3.98 27.21 15.40
C PHE A 44 4.79 26.68 14.20
N PHE A 45 4.11 26.39 13.10
CA PHE A 45 4.80 25.93 11.91
C PHE A 45 5.83 26.99 11.46
N GLU A 46 5.37 28.23 11.24
CA GLU A 46 6.25 29.33 10.78
C GLU A 46 7.42 29.49 11.76
N LEU A 47 7.14 29.43 13.07
CA LEU A 47 8.15 29.65 14.10
C LEU A 47 9.21 28.54 14.07
N TRP A 48 8.81 27.26 14.04
CA TRP A 48 9.84 26.20 14.02
C TRP A 48 10.67 26.23 12.72
N ASN A 49 10.11 26.73 11.64
CA ASN A 49 10.85 26.82 10.40
C ASN A 49 11.90 27.93 10.56
N GLN A 50 11.59 28.97 11.34
CA GLN A 50 12.55 30.02 11.64
C GLN A 50 13.68 29.43 12.49
N PHE A 51 13.31 28.67 13.53
CA PHE A 51 14.33 28.06 14.41
C PHE A 51 15.31 27.18 13.62
N GLY A 52 14.80 26.30 12.77
CA GLY A 52 15.65 25.46 11.99
C GLY A 52 16.70 26.29 11.27
N GLY A 53 16.30 27.44 10.73
CA GLY A 53 17.20 28.24 9.88
C GLY A 53 18.37 28.84 10.66
N GLY A 54 18.33 28.72 12.00
CA GLY A 54 19.38 29.20 12.88
C GLY A 54 20.44 28.14 13.20
N ILE A 55 20.12 26.86 12.96
CA ILE A 55 21.00 25.74 13.28
C ILE A 55 22.33 25.95 12.54
N ASP A 56 23.44 25.50 13.15
CA ASP A 56 24.78 25.73 12.55
C ASP A 56 25.77 24.68 13.07
N ARG A 57 26.96 24.70 12.46
CA ARG A 57 28.07 23.81 12.75
C ARG A 57 28.28 23.79 14.25
N ASP A 58 28.35 24.97 14.87
CA ASP A 58 28.59 25.01 16.31
C ASP A 58 27.50 24.20 17.04
N ILE A 59 26.22 24.43 16.72
CA ILE A 59 25.13 23.69 17.39
C ILE A 59 25.23 22.18 17.13
N ILE A 60 25.52 21.74 15.90
CA ILE A 60 25.44 20.30 15.61
C ILE A 60 26.82 19.62 15.77
N SER A 61 27.82 20.32 16.32
CA SER A 61 29.19 19.78 16.45
C SER A 61 29.20 18.61 17.45
N GLY A 62 29.79 17.49 17.00
CA GLY A 62 30.01 16.29 17.82
C GLY A 62 28.72 15.58 18.17
N THR A 63 27.66 15.79 17.37
CA THR A 63 26.34 15.22 17.58
C THR A 63 26.32 13.79 17.01
N ALA A 64 25.42 12.96 17.53
CA ALA A 64 25.19 11.56 17.08
C ALA A 64 25.37 11.45 15.55
N ASN A 65 24.56 12.23 14.81
CA ASN A 65 24.51 12.21 13.34
C ASN A 65 24.39 10.75 12.86
N LYS A 66 23.18 10.23 13.00
CA LYS A 66 22.86 8.84 12.67
C LYS A 66 22.53 8.73 11.17
N ASP A 67 22.47 7.47 10.69
CA ASP A 67 21.99 7.10 9.37
C ASP A 67 22.84 7.74 8.27
N LYS A 68 24.12 8.04 8.56
CA LYS A 68 25.12 8.46 7.55
C LYS A 68 24.79 9.83 6.92
N ILE A 69 23.94 10.63 7.58
CA ILE A 69 23.61 11.99 7.15
C ILE A 69 24.79 12.90 7.53
N SER A 70 25.40 13.54 6.54
CA SER A 70 26.52 14.44 6.79
C SER A 70 26.01 15.74 7.43
N ASP A 71 26.95 16.57 7.90
CA ASP A 71 26.65 17.79 8.59
C ASP A 71 26.15 18.81 7.57
N ASP A 72 26.73 18.80 6.37
CA ASP A 72 26.25 19.67 5.31
C ASP A 72 24.77 19.40 5.03
N LEU A 73 24.38 18.11 4.99
CA LEU A 73 23.04 17.76 4.59
C LEU A 73 22.09 18.24 5.69
N LEU A 74 22.46 17.99 6.93
CA LEU A 74 21.66 18.42 8.06
C LEU A 74 21.47 19.94 8.04
N LEU A 75 22.55 20.67 7.79
CA LEU A 75 22.43 22.12 7.71
C LEU A 75 21.55 22.49 6.52
N ALA A 76 21.78 21.81 5.40
CA ALA A 76 21.11 22.25 4.20
C ALA A 76 19.61 22.07 4.42
N VAL A 77 19.20 20.94 5.03
CA VAL A 77 17.75 20.59 5.05
C VAL A 77 17.02 21.60 5.93
N ASN A 78 17.76 22.24 6.84
CA ASN A 78 17.21 23.23 7.75
C ASN A 78 17.33 24.64 7.18
N TRP A 79 18.28 24.91 6.27
CA TRP A 79 18.48 26.26 5.75
C TRP A 79 17.63 26.57 4.51
N PHE A 80 17.25 25.51 3.80
CA PHE A 80 16.61 25.53 2.48
C PHE A 80 15.58 24.40 2.36
N LYS A 81 14.35 24.72 1.93
CA LYS A 81 13.26 23.78 1.78
C LYS A 81 12.45 24.18 0.55
N VAL A 82 11.84 23.17 -0.11
CA VAL A 82 10.94 23.43 -1.24
C VAL A 82 9.53 23.55 -0.69
N MSE A 83 8.92 24.73 -0.84
CA MSE A 83 7.62 25.01 -0.26
C MSE A 83 6.74 25.67 -1.34
O MSE A 83 7.23 26.04 -2.41
CB MSE A 83 7.76 25.91 0.94
CG MSE A 83 8.35 25.14 2.10
SE MSE A 83 8.77 26.37 3.57
CE MSE A 83 7.01 27.10 4.09
N PRO A 84 5.42 25.80 -1.11
CA PRO A 84 4.55 26.43 -2.11
C PRO A 84 5.07 27.84 -2.40
N ILE A 85 4.90 28.26 -3.67
CA ILE A 85 5.37 29.59 -4.18
C ILE A 85 4.77 30.74 -3.35
N ASN A 86 3.47 30.65 -3.03
CA ASN A 86 2.71 31.74 -2.39
C ASN A 86 2.89 31.74 -0.86
N SER A 87 3.65 30.78 -0.32
CA SER A 87 3.91 30.72 1.13
C SER A 87 4.86 31.85 1.52
N LYS A 88 5.04 32.09 2.82
CA LYS A 88 5.61 33.37 3.32
C LYS A 88 7.12 33.48 3.09
N PRO A 89 7.92 32.43 3.29
CA PRO A 89 9.37 32.56 3.13
C PRO A 89 9.74 33.05 1.72
N GLN A 90 10.93 33.63 1.59
CA GLN A 90 11.37 34.21 0.31
C GLN A 90 11.88 33.09 -0.60
N GLY A 91 11.53 33.22 -1.88
CA GLY A 91 12.01 32.38 -2.92
C GLY A 91 13.50 32.58 -3.15
N VAL A 92 14.17 31.48 -3.50
CA VAL A 92 15.54 31.48 -3.98
C VAL A 92 15.58 30.61 -5.24
N SER A 93 16.43 31.02 -6.19
CA SER A 93 16.71 30.29 -7.42
C SER A 93 17.65 29.12 -7.13
N PRO A 94 17.43 27.93 -7.76
CA PRO A 94 18.30 26.76 -7.59
C PRO A 94 19.81 26.98 -7.82
N SER A 95 20.17 27.80 -8.79
CA SER A 95 21.58 28.09 -9.14
C SER A 95 22.29 28.80 -7.98
N ASN A 96 21.51 29.45 -7.10
CA ASN A 96 22.01 30.23 -5.96
C ASN A 96 22.26 29.40 -4.69
N LEU A 97 21.81 28.14 -4.62
CA LEU A 97 21.77 27.45 -3.30
C LEU A 97 23.17 27.19 -2.75
N ALA A 98 24.05 26.69 -3.62
CA ALA A 98 25.43 26.41 -3.24
C ALA A 98 26.12 27.69 -2.72
N ASN A 99 25.90 28.83 -3.40
CA ASN A 99 26.48 30.13 -3.02
C ASN A 99 25.99 30.55 -1.63
N LEU A 100 24.67 30.49 -1.40
CA LEU A 100 24.15 30.81 -0.08
C LEU A 100 24.69 29.84 0.97
N PHE A 101 24.79 28.55 0.64
CA PHE A 101 25.23 27.57 1.64
C PHE A 101 26.63 27.91 2.12
N GLN A 102 27.50 28.24 1.17
CA GLN A 102 28.90 28.64 1.45
C GLN A 102 28.93 29.93 2.30
N GLN A 103 28.15 30.93 1.91
CA GLN A 103 28.02 32.17 2.66
C GLN A 103 27.55 31.96 4.11
N TYR A 104 26.78 30.89 4.38
CA TYR A 104 26.29 30.66 5.77
C TYR A 104 27.21 29.67 6.48
N SER A 105 27.74 28.70 5.73
CA SER A 105 28.54 27.61 6.30
C SER A 105 29.96 28.08 6.61
N GLY A 106 30.53 28.84 5.66
CA GLY A 106 31.95 29.13 5.57
C GLY A 106 32.65 28.22 4.57
N SER A 107 31.94 27.24 4.00
CA SER A 107 32.54 26.14 3.18
C SER A 107 31.60 25.77 2.04
N GLU A 108 32.19 25.23 0.97
CA GLU A 108 31.43 24.67 -0.14
C GLU A 108 30.67 23.46 0.35
N PRO A 109 29.44 23.20 -0.16
CA PRO A 109 28.64 22.05 0.26
C PRO A 109 29.19 20.73 -0.29
N ASP A 110 29.28 19.71 0.57
CA ASP A 110 29.68 18.34 0.20
C ASP A 110 28.64 17.77 -0.78
N ILE A 111 28.85 16.52 -1.19
CA ILE A 111 28.08 15.79 -2.23
C ILE A 111 26.61 15.62 -1.81
N GLN A 112 26.36 15.36 -0.53
CA GLN A 112 25.01 15.15 0.03
C GLN A 112 24.14 16.40 -0.20
N ALA A 113 24.63 17.55 0.27
CA ALA A 113 23.92 18.79 0.14
C ALA A 113 23.81 19.16 -1.33
N GLN A 114 24.80 18.73 -2.11
CA GLN A 114 24.82 18.96 -3.53
C GLN A 114 23.64 18.24 -4.19
N GLU A 115 23.42 16.97 -3.84
CA GLU A 115 22.33 16.20 -4.44
C GLU A 115 20.98 16.76 -3.98
N TYR A 116 20.89 17.15 -2.71
CA TYR A 116 19.70 17.86 -2.18
C TYR A 116 19.33 19.00 -3.13
N PHE A 117 20.29 19.87 -3.43
CA PHE A 117 20.04 21.12 -4.21
C PHE A 117 19.75 20.82 -5.68
N ALA A 118 20.24 19.69 -6.20
CA ALA A 118 19.99 19.32 -7.61
C ALA A 118 18.61 18.66 -7.79
N SER A 119 17.86 18.46 -6.69
CA SER A 119 16.64 17.65 -6.73
C SER A 119 15.56 18.32 -7.58
N ASN A 120 14.84 17.47 -8.31
CA ASN A 120 13.78 17.90 -9.16
C ASN A 120 12.58 18.30 -8.28
N PHE A 121 11.75 19.23 -8.77
CA PHE A 121 10.50 19.64 -8.11
C PHE A 121 9.64 20.35 -9.13
N ASP A 122 8.34 20.56 -8.83
CA ASP A 122 7.44 21.19 -9.77
C ASP A 122 7.59 22.71 -9.68
N THR A 123 8.14 23.27 -10.75
CA THR A 123 8.56 24.63 -10.87
C THR A 123 7.37 25.60 -10.85
N GLU A 124 6.17 25.09 -11.10
CA GLU A 124 4.95 25.91 -11.17
C GLU A 124 4.17 25.89 -9.85
N LYS A 125 4.44 24.93 -8.96
CA LYS A 125 3.72 24.85 -7.67
C LYS A 125 4.66 25.29 -6.54
N HIS A 126 5.91 24.83 -6.57
CA HIS A 126 6.82 25.04 -5.45
C HIS A 126 8.06 25.79 -5.92
N GLN A 127 8.82 26.29 -4.94
CA GLN A 127 10.18 26.83 -5.14
C GLN A 127 10.96 26.56 -3.86
N TRP A 128 12.29 26.58 -3.97
CA TRP A 128 13.16 26.67 -2.84
C TRP A 128 12.90 27.98 -2.08
N LYS A 129 13.13 27.89 -0.77
CA LYS A 129 12.91 28.91 0.17
C LYS A 129 14.14 28.94 1.07
N ASP A 130 14.51 30.14 1.51
CA ASP A 130 15.71 30.40 2.34
C ASP A 130 15.24 30.56 3.77
N MSE A 131 15.47 29.54 4.59
CA MSE A 131 14.98 29.53 5.96
C MSE A 131 15.91 30.33 6.87
O MSE A 131 15.48 30.81 7.91
CB MSE A 131 14.93 28.11 6.49
CG MSE A 131 14.15 27.18 5.54
SE MSE A 131 12.39 27.86 4.91
CE MSE A 131 11.65 27.69 6.69
N ARG A 132 17.20 30.39 6.51
CA ARG A 132 18.14 31.25 7.22
C ARG A 132 17.63 32.71 7.20
N VAL A 133 17.19 33.22 6.05
CA VAL A 133 16.57 34.53 6.02
C VAL A 133 15.38 34.56 7.01
N GLU A 134 14.67 33.44 7.13
CA GLU A 134 13.51 33.34 8.02
C GLU A 134 14.01 33.46 9.46
N TYR A 135 15.10 32.80 9.78
CA TYR A 135 15.76 32.96 11.06
C TYR A 135 16.19 34.42 11.31
N GLU A 136 16.71 35.12 10.29
CA GLU A 136 17.17 36.50 10.48
C GLU A 136 15.97 37.37 10.83
N ARG A 137 14.83 37.06 10.21
CA ARG A 137 13.60 37.81 10.41
C ARG A 137 13.06 37.60 11.84
N LEU A 138 13.27 36.41 12.43
CA LEU A 138 12.91 36.14 13.84
C LEU A 138 13.70 37.09 14.72
N LEU A 139 15.03 37.10 14.52
CA LEU A 139 15.93 37.97 15.33
C LEU A 139 15.47 39.45 15.23
N ALA A 140 15.20 39.92 14.02
CA ALA A 140 14.97 41.34 13.79
C ALA A 140 13.62 41.75 14.37
N GLU A 141 12.58 40.95 14.11
CA GLU A 141 11.22 41.26 14.53
C GLU A 141 11.08 41.17 16.06
N LEU A 142 11.83 40.28 16.72
CA LEU A 142 11.68 40.09 18.17
C LEU A 142 12.85 40.72 18.93
N GLN A 143 13.83 41.27 18.20
CA GLN A 143 14.95 42.01 18.81
C GLN A 143 15.69 41.07 19.76
N LEU A 144 16.13 39.94 19.21
CA LEU A 144 16.98 39.02 19.93
C LEU A 144 18.43 39.19 19.44
N SER A 145 19.39 39.05 20.34
CA SER A 145 20.77 39.02 19.93
C SER A 145 21.08 37.64 19.33
N ARG A 146 21.94 37.64 18.33
CA ARG A 146 22.46 36.40 17.80
C ARG A 146 23.02 35.56 18.95
N SER A 147 23.66 36.20 19.93
CA SER A 147 24.35 35.47 21.01
C SER A 147 23.32 34.71 21.86
N ASP A 148 22.23 35.39 22.19
CA ASP A 148 21.18 34.89 23.07
C ASP A 148 20.39 33.79 22.38
N MSE A 149 20.00 34.00 21.12
CA MSE A 149 19.12 33.07 20.45
C MSE A 149 19.97 31.81 20.31
O MSE A 149 19.50 30.73 20.68
CB MSE A 149 18.52 33.67 19.16
CG MSE A 149 17.54 32.72 18.48
SE MSE A 149 16.06 32.37 19.69
CE MSE A 149 16.13 30.47 20.24
N HIS A 150 21.22 31.99 19.87
CA HIS A 150 22.09 30.87 19.53
C HIS A 150 22.31 30.01 20.78
N HIS A 151 22.30 30.65 21.95
CA HIS A 151 22.42 29.94 23.22
C HIS A 151 21.19 29.04 23.47
N ASP A 152 20.00 29.56 23.15
CA ASP A 152 18.75 28.84 23.39
C ASP A 152 18.64 27.68 22.39
N LEU A 153 18.97 27.98 21.14
CA LEU A 153 18.98 27.06 20.03
C LEU A 153 19.82 25.82 20.36
N LYS A 154 20.90 26.02 21.12
CA LYS A 154 21.85 25.00 21.39
C LYS A 154 21.27 24.06 22.45
N LEU A 155 20.64 24.66 23.48
CA LEU A 155 19.91 23.90 24.48
C LEU A 155 18.74 23.16 23.83
N MSE A 156 18.07 23.81 22.87
CA MSE A 156 16.90 23.25 22.24
C MSE A 156 17.40 22.04 21.47
O MSE A 156 16.73 21.02 21.43
CB MSE A 156 16.29 24.29 21.32
CG MSE A 156 15.41 25.23 22.13
SE MSE A 156 14.97 26.76 20.96
CE MSE A 156 14.16 26.00 19.32
N TYR A 157 18.59 22.14 20.88
CA TYR A 157 19.16 21.05 20.13
C TYR A 157 19.41 19.86 21.06
N LYS A 158 19.97 20.11 22.24
CA LYS A 158 20.29 19.03 23.15
C LYS A 158 18.99 18.52 23.76
N GLU A 159 17.96 19.36 23.83
CA GLU A 159 16.68 18.91 24.39
C GLU A 159 15.80 18.24 23.33
N LYS A 160 16.33 18.07 22.09
CA LYS A 160 15.60 17.49 20.96
C LYS A 160 14.31 18.29 20.68
N CYS A 161 14.41 19.62 20.77
CA CYS A 161 13.37 20.52 20.31
C CYS A 161 13.52 20.79 18.80
N ILE A 162 14.75 20.64 18.30
CA ILE A 162 15.07 20.77 16.89
C ILE A 162 16.15 19.73 16.57
N GLY A 163 16.47 19.60 15.27
CA GLY A 163 17.39 18.60 14.77
C GLY A 163 16.65 17.41 14.18
N LEU A 164 17.33 16.26 14.16
CA LEU A 164 16.87 15.08 13.40
C LEU A 164 15.95 14.13 14.19
N SER A 165 15.96 14.14 15.53
CA SER A 165 15.12 13.19 16.30
C SER A 165 14.38 13.88 17.46
N LEU A 166 13.29 14.56 17.13
CA LEU A 166 12.57 15.42 18.07
C LEU A 166 11.92 14.59 19.17
N SER A 167 11.87 15.17 20.38
CA SER A 167 11.05 14.68 21.50
C SER A 167 9.60 14.97 21.12
N THR A 168 8.68 14.65 22.02
CA THR A 168 7.31 14.83 21.80
C THR A 168 7.00 16.30 21.98
N ALA A 169 5.93 16.77 21.35
CA ALA A 169 5.46 18.13 21.42
C ALA A 169 5.19 18.55 22.87
N HIS A 170 4.62 17.60 23.62
CA HIS A 170 4.28 17.78 25.03
C HIS A 170 5.56 18.11 25.78
N TYR A 171 6.61 17.35 25.48
CA TYR A 171 7.90 17.52 26.11
C TYR A 171 8.52 18.85 25.70
N ILE A 172 8.59 19.12 24.39
CA ILE A 172 9.28 20.30 23.90
C ILE A 172 8.62 21.53 24.50
N THR A 173 7.29 21.49 24.58
CA THR A 173 6.51 22.59 25.07
C THR A 173 6.88 22.84 26.53
N SER A 174 6.86 21.75 27.32
CA SER A 174 7.12 21.81 28.75
C SER A 174 8.48 22.45 29.04
N VAL A 175 9.56 21.92 28.44
CA VAL A 175 10.92 22.39 28.77
C VAL A 175 11.19 23.78 28.19
N MSE A 176 10.56 24.15 27.07
CA MSE A 176 10.76 25.49 26.53
C MSE A 176 9.88 26.53 27.21
O MSE A 176 10.32 27.64 27.46
CB MSE A 176 10.55 25.59 25.04
CG MSE A 176 11.54 24.72 24.31
SE MSE A 176 11.16 24.76 22.39
CE MSE A 176 11.28 26.71 21.97
N PHE A 177 8.63 26.18 27.52
CA PHE A 177 7.66 27.20 27.85
C PHE A 177 7.15 27.08 29.28
N GLY A 178 7.22 25.89 29.88
CA GLY A 178 6.55 25.65 31.17
C GLY A 178 7.27 26.42 32.25
N THR A 179 6.52 26.85 33.26
CA THR A 179 7.03 27.70 34.33
C THR A 179 6.81 26.98 35.66
N GLY A 180 6.46 25.70 35.58
CA GLY A 180 6.51 24.80 36.73
C GLY A 180 7.91 24.73 37.30
N ALA A 181 8.00 24.20 38.51
CA ALA A 181 9.26 24.02 39.20
C ALA A 181 10.04 22.91 38.48
N LYS A 182 11.27 23.19 38.05
CA LYS A 182 12.12 22.21 37.38
C LYS A 182 12.93 21.45 38.44
N ASN A 183 13.25 20.18 38.17
CA ASN A 183 14.29 19.49 38.90
C ASN A 183 15.60 20.24 38.70
N ASN A 184 16.43 20.30 39.75
CA ASN A 184 17.77 20.88 39.67
C ASN A 184 18.65 19.85 38.96
N ARG A 185 19.23 20.26 37.84
CA ARG A 185 19.95 19.35 36.98
C ARG A 185 21.34 19.04 37.54
N GLN A 186 21.98 20.05 38.15
CA GLN A 186 23.34 19.96 38.74
C GLN A 186 23.36 18.86 39.82
N THR A 187 22.33 18.82 40.67
CA THR A 187 22.14 17.74 41.63
C THR A 187 22.17 16.39 40.92
N LYS A 188 21.44 16.24 39.82
CA LYS A 188 21.43 14.97 39.05
C LYS A 188 22.80 14.70 38.39
N HIS A 189 23.52 15.76 38.00
CA HIS A 189 24.86 15.59 37.41
C HIS A 189 25.87 15.02 38.45
N GLN A 190 25.86 15.63 39.63
CA GLN A 190 26.62 15.21 40.78
C GLN A 190 26.32 13.74 41.11
N PHE A 191 25.03 13.39 41.16
CA PHE A 191 24.57 12.08 41.47
C PHE A 191 25.00 11.09 40.37
N TYR A 192 24.82 11.46 39.09
CA TYR A 192 25.18 10.55 38.01
C TYR A 192 26.70 10.39 37.96
N SER A 193 27.45 11.48 38.19
CA SER A 193 28.91 11.45 38.18
C SER A 193 29.46 10.55 39.29
N LYS A 194 28.88 10.64 40.48
CA LYS A 194 29.24 9.83 41.63
C LYS A 194 28.97 8.34 41.32
N VAL A 195 27.80 8.02 40.77
CA VAL A 195 27.55 6.62 40.45
C VAL A 195 28.62 6.10 39.48
N ILE A 196 29.00 6.90 38.50
CA ILE A 196 30.03 6.48 37.59
C ILE A 196 31.32 6.20 38.37
N GLN A 197 31.79 7.19 39.13
CA GLN A 197 33.00 7.13 39.97
C GLN A 197 33.01 5.82 40.78
N LEU A 198 31.99 5.61 41.61
CA LEU A 198 31.90 4.47 42.54
C LEU A 198 31.90 3.13 41.78
N LEU A 199 31.38 3.14 40.54
CA LEU A 199 31.36 1.95 39.73
C LEU A 199 32.72 1.72 39.10
N GLU A 200 33.42 2.81 38.77
CA GLU A 200 34.79 2.73 38.20
C GLU A 200 35.73 2.22 39.30
N GLU A 201 35.40 2.56 40.56
CA GLU A 201 36.15 2.17 41.74
C GLU A 201 35.76 0.74 42.15
N SER A 202 34.79 0.13 41.45
CA SER A 202 34.36 -1.21 41.79
C SER A 202 33.74 -1.92 40.58
N THR A 203 34.59 -2.12 39.56
CA THR A 203 34.18 -2.52 38.21
C THR A 203 33.70 -3.97 38.12
N GLN A 204 33.79 -4.74 39.22
CA GLN A 204 33.60 -6.19 39.13
C GLN A 204 32.51 -6.67 40.09
N ILE A 205 31.59 -5.77 40.48
CA ILE A 205 30.36 -6.22 41.12
C ILE A 205 29.61 -7.09 40.11
N ASN A 206 28.76 -7.99 40.61
CA ASN A 206 28.01 -8.92 39.75
C ASN A 206 26.55 -9.08 40.21
N SER A 207 26.22 -8.71 41.45
CA SER A 207 24.83 -8.74 41.94
C SER A 207 24.24 -7.34 41.86
N VAL A 208 22.95 -7.28 41.57
CA VAL A 208 22.18 -6.06 41.68
C VAL A 208 22.30 -5.51 43.11
N GLU A 209 22.26 -6.41 44.10
CA GLU A 209 22.38 -6.03 45.50
C GLU A 209 23.55 -5.05 45.65
N GLN A 210 24.71 -5.43 45.09
CA GLN A 210 25.91 -4.64 45.16
C GLN A 210 25.67 -3.29 44.48
N LEU A 211 25.05 -3.33 43.30
CA LEU A 211 24.80 -2.16 42.45
C LEU A 211 23.90 -1.17 43.18
N ALA A 212 22.78 -1.68 43.71
CA ALA A 212 21.80 -0.90 44.45
C ALA A 212 22.47 -0.09 45.57
N SER A 213 23.41 -0.74 46.27
CA SER A 213 24.07 -0.17 47.48
C SER A 213 25.06 0.93 47.06
N ILE A 214 25.71 0.70 45.92
CA ILE A 214 26.57 1.69 45.30
C ILE A 214 25.75 2.91 44.83
N ILE A 215 24.57 2.69 44.24
CA ILE A 215 23.74 3.79 43.77
C ILE A 215 23.27 4.63 44.97
N LEU A 216 22.85 3.96 46.05
CA LEU A 216 22.38 4.64 47.27
C LEU A 216 23.53 5.44 47.91
N LYS A 217 24.70 4.83 47.93
CA LYS A 217 25.89 5.45 48.46
C LYS A 217 26.19 6.73 47.67
N ALA A 218 25.96 6.69 46.35
CA ALA A 218 26.25 7.80 45.45
C ALA A 218 25.34 8.98 45.77
N GLY A 219 24.09 8.68 46.08
CA GLY A 219 23.10 9.68 46.45
C GLY A 219 23.11 9.98 47.94
N ASP A 220 23.94 9.26 48.69
CA ASP A 220 24.07 9.45 50.13
C ASP A 220 22.68 9.29 50.77
N CYS A 221 22.09 8.11 50.64
CA CYS A 221 20.71 7.88 51.03
C CYS A 221 20.53 6.40 51.38
N ASP A 222 19.48 6.11 52.15
CA ASP A 222 19.18 4.76 52.66
C ASP A 222 18.12 4.09 51.77
N SER A 223 17.29 4.91 51.10
CA SER A 223 16.15 4.37 50.33
C SER A 223 16.00 5.06 48.97
N TYR A 224 15.22 4.41 48.09
CA TYR A 224 14.78 4.94 46.77
C TYR A 224 14.07 6.29 46.92
N ARG A 225 13.11 6.32 47.86
CA ARG A 225 12.27 7.48 48.15
C ARG A 225 13.15 8.70 48.42
N LYS A 226 14.19 8.54 49.25
CA LYS A 226 15.04 9.69 49.62
C LYS A 226 15.89 10.10 48.41
N LEU A 227 16.26 9.10 47.62
CA LEU A 227 17.08 9.31 46.44
C LEU A 227 16.31 10.17 45.43
N ARG A 228 15.06 9.80 45.17
CA ARG A 228 14.24 10.47 44.20
C ARG A 228 14.00 11.90 44.69
N ILE A 229 13.61 12.05 45.96
CA ILE A 229 13.23 13.34 46.50
C ILE A 229 14.39 14.32 46.33
N ARG A 230 15.62 13.84 46.55
CA ARG A 230 16.76 14.76 46.49
C ARG A 230 17.20 15.04 45.05
N CYS A 231 17.35 13.98 44.22
CA CYS A 231 18.09 14.00 42.91
C CYS A 231 17.17 14.09 41.67
N SER A 232 15.96 13.52 41.75
CA SER A 232 15.08 13.36 40.59
C SER A 232 13.62 13.55 41.01
N ARG A 233 13.30 14.70 41.60
CA ARG A 233 12.11 14.89 42.43
C ARG A 233 10.89 14.57 41.56
N LYS A 234 10.82 15.24 40.42
CA LYS A 234 9.67 15.14 39.57
C LYS A 234 10.05 14.41 38.28
N GLY A 235 9.06 13.71 37.71
CA GLY A 235 9.18 13.07 36.42
C GLY A 235 9.14 11.57 36.53
N ALA A 236 9.28 10.91 35.38
CA ALA A 236 9.36 9.47 35.31
C ALA A 236 10.71 9.04 35.90
N THR A 237 10.74 7.83 36.45
CA THR A 237 11.89 7.45 37.23
C THR A 237 13.00 7.12 36.25
N PRO A 238 14.18 7.78 36.34
CA PRO A 238 15.35 7.38 35.55
C PRO A 238 15.69 5.90 35.80
N SER A 239 16.24 5.22 34.80
CA SER A 239 16.48 3.78 34.88
C SER A 239 17.45 3.44 36.02
N ILE A 240 18.35 4.36 36.39
CA ILE A 240 19.34 4.09 37.43
C ILE A 240 18.64 4.05 38.80
N LEU A 241 17.60 4.86 38.99
CA LEU A 241 16.83 4.83 40.26
C LEU A 241 15.85 3.65 40.23
N LYS A 242 15.46 3.21 39.03
CA LYS A 242 14.59 2.06 38.87
C LYS A 242 15.24 0.81 39.49
N ILE A 243 16.57 0.67 39.37
CA ILE A 243 17.27 -0.50 39.91
C ILE A 243 16.99 -0.56 41.42
N VAL A 244 17.18 0.56 42.10
CA VAL A 244 17.02 0.63 43.52
C VAL A 244 15.56 0.32 43.88
N GLN A 245 14.61 1.05 43.27
CA GLN A 245 13.17 0.81 43.51
C GLN A 245 12.88 -0.70 43.47
N ASP A 246 13.23 -1.35 42.36
CA ASP A 246 12.89 -2.74 42.08
C ASP A 246 13.63 -3.69 43.06
N TYR A 247 14.77 -3.26 43.60
CA TYR A 247 15.45 -4.09 44.58
C TYR A 247 14.67 -4.10 45.90
N GLU A 248 14.18 -2.93 46.33
CA GLU A 248 13.36 -2.84 47.53
C GLU A 248 12.07 -3.65 47.35
N LEU A 249 11.50 -3.66 46.13
CA LEU A 249 10.27 -4.42 45.82
C LEU A 249 10.59 -5.91 45.68
N GLY A 250 11.83 -6.20 45.30
CA GLY A 250 12.35 -7.52 45.29
C GLY A 250 12.07 -8.26 44.01
N THR A 251 12.12 -7.56 42.87
CA THR A 251 11.76 -8.16 41.55
C THR A 251 12.96 -8.19 40.57
N ASN A 252 14.14 -7.70 41.00
CA ASN A 252 15.35 -7.58 40.13
C ASN A 252 16.60 -8.17 40.80
N HIS A 253 16.42 -9.11 41.73
CA HIS A 253 17.53 -9.63 42.57
C HIS A 253 18.49 -10.52 41.77
N ASP A 254 17.92 -11.35 40.90
CA ASP A 254 18.69 -12.32 40.14
C ASP A 254 18.77 -11.84 38.69
N ASP A 255 18.95 -10.52 38.52
CA ASP A 255 19.24 -9.89 37.24
C ASP A 255 20.75 -9.67 37.13
N GLU A 256 21.27 -9.70 35.91
CA GLU A 256 22.70 -9.53 35.70
C GLU A 256 23.04 -8.04 35.84
N VAL A 257 24.29 -7.79 36.20
CA VAL A 257 24.86 -6.47 36.23
C VAL A 257 25.99 -6.43 35.18
N ASN A 258 25.82 -5.53 34.21
CA ASN A 258 26.79 -5.21 33.20
C ASN A 258 27.24 -3.76 33.46
N VAL A 259 28.37 -3.63 34.15
CA VAL A 259 28.90 -2.37 34.64
C VAL A 259 29.35 -1.49 33.47
N PRO A 260 30.15 -1.98 32.49
CA PRO A 260 30.57 -1.10 31.40
C PRO A 260 29.41 -0.38 30.69
N SER A 261 28.29 -1.09 30.48
CA SER A 261 27.05 -0.50 29.95
C SER A 261 26.58 0.62 30.88
N LEU A 262 26.31 0.25 32.14
CA LEU A 262 25.79 1.14 33.16
C LEU A 262 26.59 2.42 33.06
N ILE A 263 27.91 2.29 33.05
CA ILE A 263 28.79 3.43 33.00
C ILE A 263 28.52 4.20 31.70
N ALA A 264 28.49 3.48 30.59
CA ALA A 264 28.38 4.09 29.26
C ALA A 264 27.07 4.88 29.13
N ASN A 265 25.97 4.27 29.59
CA ASN A 265 24.63 4.87 29.51
C ASN A 265 24.57 6.16 30.34
N LEU A 266 24.95 6.08 31.61
CA LEU A 266 25.06 7.23 32.53
C LEU A 266 25.86 8.34 31.84
N LYS A 267 27.05 7.98 31.33
CA LYS A 267 27.98 8.95 30.71
C LYS A 267 27.30 9.68 29.55
N GLU A 268 26.44 8.98 28.82
CA GLU A 268 25.73 9.56 27.68
C GLU A 268 24.75 10.62 28.18
N LYS A 269 24.14 10.43 29.34
CA LYS A 269 23.04 11.31 29.75
C LYS A 269 23.57 12.58 30.41
N LEU A 270 24.87 12.57 30.72
CA LEU A 270 25.54 13.61 31.50
C LEU A 270 25.43 15.00 30.85
N GLY A 271 25.48 15.07 29.50
CA GLY A 271 25.49 16.35 28.75
C GLY A 271 24.29 17.23 29.08
N ARG A 272 23.11 16.61 29.19
CA ARG A 272 21.86 17.30 29.45
C ARG A 272 21.82 17.83 30.89
N PHE A 273 22.73 17.39 31.78
CA PHE A 273 22.68 17.91 33.19
C PHE A 273 23.82 18.88 33.50
N GLU A 274 24.65 19.22 32.49
CA GLU A 274 25.75 20.22 32.60
C GLU A 274 25.22 21.65 32.76
N TYR A 275 23.96 21.85 32.33
CA TYR A 275 23.28 23.16 32.24
C TYR A 275 21.91 23.10 32.94
N GLU A 276 21.37 24.27 33.29
CA GLU A 276 20.14 24.35 34.06
C GLU A 276 18.96 24.69 33.12
N CYS A 277 19.22 24.97 31.85
CA CYS A 277 18.13 25.30 30.91
C CYS A 277 17.64 26.74 31.17
N GLU A 278 18.57 27.68 31.42
CA GLU A 278 18.13 29.05 31.67
C GLU A 278 18.03 29.77 30.32
N TRP A 279 16.79 29.93 29.88
CA TRP A 279 16.50 30.52 28.63
C TRP A 279 16.80 32.01 28.69
N LYS A 280 17.27 32.52 27.55
CA LYS A 280 17.55 33.93 27.40
C LYS A 280 16.46 34.60 26.59
N CYS A 281 15.90 33.89 25.60
CA CYS A 281 14.93 34.44 24.65
C CYS A 281 13.49 33.98 24.84
N MSE A 282 13.22 32.98 25.68
CA MSE A 282 11.91 32.35 25.73
C MSE A 282 10.81 33.33 26.18
O MSE A 282 9.66 33.22 25.76
CB MSE A 282 11.89 31.14 26.62
CG MSE A 282 12.60 29.98 25.92
SE MSE A 282 11.78 29.51 24.21
CE MSE A 282 13.32 29.61 23.01
N GLU A 283 11.18 34.27 27.02
CA GLU A 283 10.19 35.22 27.50
C GLU A 283 9.69 36.06 26.32
N LYS A 284 10.58 36.46 25.42
CA LYS A 284 10.16 37.25 24.25
C LYS A 284 9.38 36.38 23.26
N ILE A 285 9.78 35.12 23.09
CA ILE A 285 9.13 34.20 22.15
C ILE A 285 7.73 33.85 22.66
N LYS A 286 7.56 33.67 23.97
CA LYS A 286 6.26 33.49 24.62
C LYS A 286 5.35 34.72 24.44
N ALA A 287 5.91 35.91 24.57
CA ALA A 287 5.10 37.13 24.47
C ALA A 287 4.65 37.31 23.02
N PHE A 288 5.51 36.96 22.07
CA PHE A 288 5.12 36.95 20.70
C PHE A 288 3.98 35.95 20.51
N LEU A 289 4.20 34.71 20.99
CA LEU A 289 3.17 33.65 20.86
C LEU A 289 1.85 34.10 21.50
N ALA A 290 1.91 34.73 22.69
CA ALA A 290 0.68 35.16 23.38
C ALA A 290 -0.06 36.21 22.52
N SER A 291 0.66 36.98 21.70
CA SER A 291 0.02 38.05 20.90
C SER A 291 -0.75 37.47 19.69
N LYS A 292 -0.37 36.26 19.29
CA LYS A 292 -0.88 35.58 18.11
C LYS A 292 -1.88 34.48 18.49
N VAL A 293 -1.61 33.71 19.56
CA VAL A 293 -2.48 32.54 19.86
C VAL A 293 -3.05 32.61 21.27
N GLY A 294 -2.74 33.67 22.01
CA GLY A 294 -3.28 33.84 23.37
C GLY A 294 -2.46 33.12 24.46
N PRO A 295 -2.94 33.17 25.72
CA PRO A 295 -2.11 32.83 26.87
C PRO A 295 -1.53 31.43 26.75
N TYR A 296 -0.34 31.28 27.34
CA TYR A 296 0.36 30.01 27.43
C TYR A 296 -0.46 29.02 28.27
N TYR A 297 -0.75 27.86 27.67
CA TYR A 297 -1.14 26.64 28.41
C TYR A 297 -0.47 25.44 27.75
N LEU A 298 -0.02 24.51 28.59
CA LEU A 298 0.72 23.37 28.13
C LEU A 298 -0.09 22.62 27.06
N GLY A 299 -1.34 22.26 27.38
CA GLY A 299 -2.10 21.32 26.57
C GLY A 299 -2.45 21.89 25.21
N SER A 300 -2.83 23.17 25.17
CA SER A 300 -3.17 23.80 23.92
C SER A 300 -1.90 24.03 23.07
N TYR A 301 -0.84 24.56 23.66
CA TYR A 301 0.37 24.87 22.87
C TYR A 301 0.95 23.56 22.32
N SER A 302 0.97 22.57 23.17
CA SER A 302 1.43 21.25 22.82
C SER A 302 0.64 20.70 21.61
N ALA A 303 -0.70 20.75 21.67
CA ALA A 303 -1.53 20.19 20.64
C ALA A 303 -1.41 20.96 19.33
N MSE A 304 -1.18 22.28 19.40
CA MSE A 304 -0.92 23.06 18.20
C MSE A 304 0.46 22.69 17.63
O MSE A 304 0.60 22.43 16.43
CB MSE A 304 -1.06 24.52 18.49
CG MSE A 304 -2.54 24.84 18.76
SE MSE A 304 -2.87 26.78 18.97
CE MSE A 304 -2.45 26.93 20.88
N LEU A 305 1.48 22.64 18.50
CA LEU A 305 2.85 22.34 18.08
C LEU A 305 2.93 20.97 17.38
N GLU A 306 2.35 19.94 18.01
CA GLU A 306 2.12 18.58 17.42
C GLU A 306 1.88 18.68 15.89
N ASN A 307 0.88 19.47 15.53
CA ASN A 307 0.36 19.52 14.15
C ASN A 307 1.29 20.33 13.23
N ALA A 308 2.12 21.21 13.80
CA ALA A 308 3.12 22.01 13.02
C ALA A 308 4.40 21.20 12.77
N LEU A 309 4.92 20.59 13.84
CA LEU A 309 6.14 19.76 13.79
C LEU A 309 6.06 18.58 12.82
N SER A 310 4.90 17.90 12.75
CA SER A 310 4.76 16.62 12.05
C SER A 310 5.32 16.68 10.63
N PRO A 311 4.87 17.60 9.77
CA PRO A 311 5.41 17.68 8.41
C PRO A 311 6.85 18.27 8.35
N ILE A 312 7.23 19.15 9.28
CA ILE A 312 8.58 19.74 9.34
C ILE A 312 9.61 18.65 9.62
N LYS A 313 9.38 17.83 10.65
CA LYS A 313 10.32 16.77 10.99
C LYS A 313 10.16 15.58 10.03
N GLY A 314 8.93 15.32 9.58
CA GLY A 314 8.68 14.24 8.67
C GLY A 314 9.43 14.40 7.34
N MSE A 315 9.37 15.60 6.75
CA MSE A 315 10.06 15.89 5.50
C MSE A 315 11.58 15.93 5.63
O MSE A 315 12.30 15.62 4.68
CB MSE A 315 9.49 17.21 4.98
CG MSE A 315 8.04 17.05 4.49
SE MSE A 315 7.65 15.39 3.44
CE MSE A 315 7.34 14.00 4.78
N THR A 316 12.08 16.34 6.79
CA THR A 316 13.51 16.31 7.05
C THR A 316 13.93 14.83 6.97
N THR A 317 13.21 13.95 7.69
CA THR A 317 13.59 12.54 7.70
C THR A 317 13.51 11.97 6.29
N LYS A 318 12.45 12.32 5.55
CA LYS A 318 12.21 11.72 4.27
C LYS A 318 13.19 12.27 3.22
N ASN A 319 13.40 13.60 3.18
CA ASN A 319 14.31 14.17 2.18
C ASN A 319 15.76 13.70 2.44
N CYS A 320 16.13 13.47 3.70
CA CYS A 320 17.48 12.98 4.02
C CYS A 320 17.64 11.57 3.45
N LYS A 321 16.63 10.72 3.61
CA LYS A 321 16.67 9.36 3.11
C LYS A 321 16.71 9.36 1.58
N PHE A 322 15.88 10.25 1.00
CA PHE A 322 15.75 10.40 -0.44
C PHE A 322 17.08 10.80 -1.11
N VAL A 323 17.80 11.79 -0.53
CA VAL A 323 19.10 12.28 -1.05
C VAL A 323 20.11 11.10 -1.05
N LEU A 324 20.11 10.32 0.03
CA LEU A 324 21.04 9.23 0.16
C LEU A 324 20.75 8.18 -0.90
N LYS A 325 19.47 7.92 -1.16
CA LYS A 325 19.07 6.93 -2.15
C LYS A 325 19.51 7.44 -3.52
N GLN A 326 19.26 8.72 -3.80
CA GLN A 326 19.61 9.35 -5.09
C GLN A 326 21.10 9.12 -5.40
N ILE A 327 21.95 9.38 -4.39
CA ILE A 327 23.39 9.23 -4.50
C ILE A 327 23.73 7.80 -4.89
N ASP A 328 23.25 6.81 -4.14
CA ASP A 328 23.41 5.37 -4.53
C ASP A 328 22.93 5.14 -5.96
N ALA A 329 21.78 5.71 -6.34
CA ALA A 329 21.23 5.42 -7.65
C ALA A 329 22.06 6.08 -8.78
N LYS A 330 22.62 7.27 -8.57
CA LYS A 330 23.46 7.91 -9.62
C LYS A 330 24.74 7.09 -9.82
N ASN A 331 25.22 6.43 -8.75
CA ASN A 331 26.46 5.68 -8.71
C ASN A 331 26.29 4.29 -9.34
N ASP A 332 25.04 3.79 -9.43
CA ASP A 332 24.73 2.58 -10.19
C ASP A 332 24.60 2.93 -11.69
N ILE A 333 24.66 4.23 -12.04
CA ILE A 333 24.60 4.63 -13.45
C ILE A 333 26.01 4.58 -14.05
N LYS A 334 26.14 3.74 -15.07
CA LYS A 334 27.37 3.51 -15.74
C LYS A 334 27.60 4.66 -16.73
N TYR A 335 28.16 5.78 -16.27
CA TYR A 335 28.43 6.94 -17.10
C TYR A 335 29.44 6.56 -18.19
N GLU A 336 30.26 5.53 -17.95
CA GLU A 336 31.15 5.03 -19.00
C GLU A 336 30.37 4.59 -20.27
N ASN A 337 29.04 4.42 -20.22
CA ASN A 337 28.27 3.98 -21.39
C ASN A 337 27.62 5.16 -22.14
N GLU A 338 27.86 6.40 -21.72
CA GLU A 338 27.23 7.60 -22.36
C GLU A 338 27.47 7.61 -23.87
N PRO A 339 28.72 7.36 -24.33
CA PRO A 339 29.01 7.41 -25.76
C PRO A 339 28.07 6.45 -26.52
N PHE A 340 27.73 5.30 -25.91
CA PHE A 340 26.81 4.35 -26.59
C PHE A 340 25.41 4.96 -26.64
N GLY A 341 25.01 5.61 -25.54
CA GLY A 341 23.76 6.34 -25.52
C GLY A 341 23.64 7.27 -26.71
N LYS A 342 24.67 8.09 -26.90
CA LYS A 342 24.67 9.11 -27.94
C LYS A 342 24.54 8.50 -29.34
N ILE A 343 25.16 7.36 -29.59
CA ILE A 343 25.03 6.68 -30.89
C ILE A 343 23.56 6.25 -31.08
N VAL A 344 22.93 5.75 -30.00
CA VAL A 344 21.53 5.30 -30.07
C VAL A 344 20.64 6.53 -30.23
N GLU A 345 20.93 7.54 -29.42
CA GLU A 345 20.19 8.78 -29.44
C GLU A 345 20.34 9.49 -30.80
N GLY A 346 21.45 9.26 -31.50
CA GLY A 346 21.65 9.72 -32.88
C GLY A 346 20.53 9.32 -33.83
N PHE A 347 19.79 8.25 -33.49
CA PHE A 347 18.59 7.83 -34.23
C PHE A 347 17.76 9.05 -34.68
N PHE A 348 17.62 10.03 -33.78
CA PHE A 348 16.71 11.14 -34.01
C PHE A 348 17.26 12.13 -35.04
N ASP A 349 18.58 12.09 -35.28
CA ASP A 349 19.22 12.99 -36.24
C ASP A 349 19.32 12.26 -37.59
N SER A 350 18.99 10.96 -37.58
CA SER A 350 19.11 10.05 -38.71
C SER A 350 17.95 10.22 -39.69
N PRO A 351 18.04 9.67 -40.92
CA PRO A 351 16.90 9.67 -41.85
C PRO A 351 15.80 8.64 -41.52
N TYR A 352 16.04 7.73 -40.57
CA TYR A 352 15.07 6.66 -40.26
C TYR A 352 13.92 7.21 -39.42
N PHE A 353 14.23 8.16 -38.54
CA PHE A 353 13.23 9.00 -37.89
C PHE A 353 13.47 10.43 -38.34
N GLU A 354 12.54 10.97 -39.10
CA GLU A 354 12.49 12.40 -39.25
C GLU A 354 11.03 12.75 -38.98
N SER A 355 10.85 13.84 -38.22
CA SER A 355 9.57 14.23 -37.70
C SER A 355 9.53 15.77 -37.62
N ASP A 356 8.35 16.34 -37.90
CA ASP A 356 8.12 17.79 -37.93
C ASP A 356 8.39 18.38 -36.54
N THR A 357 8.96 19.59 -36.52
CA THR A 357 9.37 20.31 -35.28
C THR A 357 10.58 19.62 -34.64
N ASN A 358 10.94 18.42 -35.15
CA ASN A 358 12.09 17.59 -34.74
C ASN A 358 12.23 17.56 -33.21
N VAL A 359 11.11 17.34 -32.50
CA VAL A 359 11.12 17.22 -31.03
C VAL A 359 11.21 15.73 -30.67
N LYS A 360 12.32 15.37 -30.00
CA LYS A 360 12.73 14.02 -29.66
C LYS A 360 12.29 13.68 -28.22
N TRP A 361 12.32 12.37 -27.90
CA TRP A 361 11.76 11.81 -26.68
C TRP A 361 12.77 10.83 -26.07
N VAL A 362 12.50 10.37 -24.86
CA VAL A 362 13.44 9.53 -24.13
C VAL A 362 13.32 8.07 -24.60
N LEU A 363 14.48 7.47 -24.89
CA LEU A 363 14.58 6.09 -25.34
C LEU A 363 14.63 5.18 -24.12
N HIS A 364 14.01 3.99 -24.22
CA HIS A 364 13.94 3.01 -23.13
C HIS A 364 14.21 1.60 -23.67
N PRO A 365 14.61 0.64 -22.81
CA PRO A 365 14.85 -0.73 -23.26
C PRO A 365 13.72 -1.30 -24.15
N HIS A 366 12.46 -1.03 -23.80
CA HIS A 366 11.35 -1.63 -24.56
C HIS A 366 11.30 -1.14 -26.01
N HIS A 367 12.03 -0.06 -26.34
CA HIS A 367 12.09 0.44 -27.72
C HIS A 367 12.83 -0.54 -28.64
N ILE A 368 13.72 -1.31 -28.09
CA ILE A 368 14.41 -2.28 -28.89
C ILE A 368 14.04 -3.70 -28.50
N GLY A 369 13.07 -3.81 -27.59
CA GLY A 369 12.61 -5.11 -27.13
C GLY A 369 13.59 -5.76 -26.16
N GLU A 370 13.87 -5.07 -25.07
CA GLU A 370 14.79 -5.55 -24.04
C GLU A 370 16.11 -6.04 -24.63
N SER A 371 16.56 -7.21 -24.15
CA SER A 371 17.81 -7.79 -24.62
C SER A 371 17.57 -8.72 -25.81
N ASN A 372 16.31 -8.95 -26.14
CA ASN A 372 15.94 -9.83 -27.28
C ASN A 372 16.60 -9.35 -28.57
N ILE A 373 17.16 -8.13 -28.55
CA ILE A 373 17.86 -7.56 -29.71
C ILE A 373 19.06 -8.46 -30.07
N LYS A 374 19.63 -9.15 -29.07
CA LYS A 374 20.77 -10.07 -29.30
C LYS A 374 20.37 -11.20 -30.27
N THR A 375 19.23 -11.85 -30.02
CA THR A 375 18.73 -12.87 -30.93
C THR A 375 18.47 -12.22 -32.31
N LEU A 376 17.92 -11.00 -32.35
CA LEU A 376 17.64 -10.35 -33.63
C LEU A 376 18.95 -10.07 -34.39
N TRP A 377 19.98 -9.70 -33.65
CA TRP A 377 21.28 -9.44 -34.26
C TRP A 377 21.87 -10.76 -34.80
N GLU A 378 21.77 -11.85 -34.03
CA GLU A 378 22.21 -13.20 -34.49
C GLU A 378 21.53 -13.58 -35.82
N ASP A 379 20.19 -13.46 -35.88
CA ASP A 379 19.44 -13.75 -37.09
C ASP A 379 19.89 -12.83 -38.23
N LEU A 380 20.02 -11.51 -37.95
CA LEU A 380 20.38 -10.54 -39.01
C LEU A 380 21.79 -10.82 -39.53
N ASN A 381 22.69 -11.24 -38.64
CA ASN A 381 24.09 -11.53 -38.97
C ASN A 381 24.20 -12.82 -39.80
N ALA A 382 23.37 -13.84 -39.48
CA ALA A 382 23.30 -15.09 -40.26
C ALA A 382 22.90 -14.79 -41.70
N ILE A 383 21.85 -13.96 -41.88
CA ILE A 383 21.34 -13.54 -43.19
C ILE A 383 22.42 -12.80 -43.98
N HIS A 384 23.26 -12.02 -43.27
CA HIS A 384 24.31 -11.17 -43.87
C HIS A 384 25.51 -12.01 -44.33
N SER A 385 26.07 -12.81 -43.42
CA SER A 385 27.17 -13.73 -43.74
C SER A 385 26.80 -14.58 -44.96
N LYS A 386 25.57 -15.12 -44.95
CA LYS A 386 25.04 -16.00 -46.00
C LYS A 386 24.80 -15.19 -47.29
N TYR A 387 24.50 -13.89 -47.16
CA TYR A 387 24.36 -13.00 -48.31
C TYR A 387 25.73 -12.59 -48.86
N GLU A 388 26.79 -12.75 -48.04
CA GLU A 388 28.15 -12.34 -48.44
C GLU A 388 28.75 -13.35 -49.44
N GLU A 389 28.64 -14.64 -49.12
CA GLU A 389 29.12 -15.71 -50.01
C GLU A 389 28.21 -15.78 -51.25
N ASP A 390 26.94 -15.37 -51.09
CA ASP A 390 25.98 -15.33 -52.21
C ASP A 390 26.28 -14.15 -53.13
N ILE A 391 27.20 -13.26 -52.73
CA ILE A 391 27.69 -12.13 -53.55
C ILE A 391 29.01 -12.54 -54.23
N ALA A 392 29.82 -13.35 -53.54
CA ALA A 392 31.10 -13.81 -54.06
C ALA A 392 30.87 -14.81 -55.20
N SER A 393 30.40 -16.02 -54.86
CA SER A 393 30.37 -17.18 -55.78
C SER A 393 29.04 -17.29 -56.54
N LEU A 394 27.91 -17.19 -55.81
CA LEU A 394 26.55 -17.30 -56.39
C LEU A 394 26.33 -16.15 -57.39
N SER A 395 26.33 -14.91 -56.90
CA SER A 395 26.12 -13.75 -57.74
C SER A 395 27.41 -13.36 -58.47
N GLU A 396 27.31 -13.11 -59.76
CA GLU A 396 28.47 -12.74 -60.57
C GLU A 396 28.51 -11.24 -60.84
N ASP A 397 27.81 -10.82 -61.89
CA ASP A 397 27.76 -9.41 -62.26
C ASP A 397 26.41 -8.78 -61.91
N LYS A 398 25.37 -9.59 -61.92
CA LYS A 398 24.03 -9.12 -61.60
C LYS A 398 23.76 -9.18 -60.10
N LYS A 399 24.44 -8.32 -59.35
CA LYS A 399 24.27 -8.28 -57.91
C LYS A 399 23.35 -7.14 -57.49
N GLU A 400 22.65 -6.57 -58.45
CA GLU A 400 21.73 -5.47 -58.19
C GLU A 400 20.39 -6.00 -57.70
N LYS A 401 20.13 -7.28 -57.93
CA LYS A 401 18.88 -7.90 -57.51
C LYS A 401 19.07 -8.73 -56.24
N ARG A 402 20.31 -9.15 -55.99
CA ARG A 402 20.63 -9.96 -54.81
C ARG A 402 20.74 -9.05 -53.57
N ILE A 403 21.27 -7.84 -53.76
CA ILE A 403 21.39 -6.81 -52.70
C ILE A 403 19.98 -6.35 -52.27
N LYS A 404 19.11 -6.08 -53.26
CA LYS A 404 17.73 -5.67 -53.00
C LYS A 404 17.01 -6.77 -52.21
N VAL A 405 17.39 -8.04 -52.45
CA VAL A 405 16.83 -9.22 -51.78
C VAL A 405 17.26 -9.23 -50.31
N TYR A 406 18.57 -9.00 -50.08
CA TYR A 406 19.16 -8.86 -48.74
C TYR A 406 18.37 -7.81 -47.94
N GLN A 407 18.20 -6.61 -48.51
CA GLN A 407 17.56 -5.46 -47.86
C GLN A 407 16.12 -5.79 -47.43
N GLY A 408 15.31 -6.32 -48.36
CA GLY A 408 13.96 -6.79 -48.06
C GLY A 408 13.94 -7.85 -46.96
N ASP A 409 14.96 -8.73 -46.93
CA ASP A 409 15.05 -9.81 -45.94
C ASP A 409 15.44 -9.26 -44.57
N VAL A 410 16.31 -8.23 -44.57
CA VAL A 410 16.72 -7.50 -43.36
C VAL A 410 15.48 -6.84 -42.75
N CYS A 411 14.78 -6.06 -43.58
CA CYS A 411 13.53 -5.38 -43.19
C CYS A 411 12.53 -6.38 -42.63
N GLN A 412 12.35 -7.52 -43.30
CA GLN A 412 11.31 -8.46 -42.93
C GLN A 412 11.66 -9.10 -41.57
N THR A 413 12.95 -9.44 -41.37
CA THR A 413 13.39 -10.09 -40.13
C THR A 413 13.13 -9.15 -38.95
N ILE A 414 13.24 -7.84 -39.22
CA ILE A 414 12.99 -6.81 -38.21
C ILE A 414 11.48 -6.73 -37.95
N ASN A 415 10.67 -6.57 -39.01
CA ASN A 415 9.24 -6.37 -38.81
C ASN A 415 8.69 -7.55 -38.02
N THR A 416 9.06 -8.77 -38.43
CA THR A 416 8.73 -10.05 -37.76
C THR A 416 9.11 -10.01 -36.27
N TYR A 417 10.31 -9.48 -35.97
CA TYR A 417 10.84 -9.39 -34.61
C TYR A 417 9.97 -8.49 -33.72
N CYS A 418 9.67 -7.28 -34.20
CA CYS A 418 8.82 -6.34 -33.49
C CYS A 418 7.42 -6.93 -33.27
N GLU A 419 6.87 -7.60 -34.30
CA GLU A 419 5.52 -8.16 -34.18
C GLU A 419 5.55 -9.27 -33.12
N GLU A 420 6.59 -10.11 -33.18
CA GLU A 420 6.76 -11.19 -32.25
C GLU A 420 6.77 -10.63 -30.83
N VAL A 421 7.67 -9.65 -30.60
CA VAL A 421 7.90 -9.09 -29.28
C VAL A 421 6.60 -8.46 -28.79
N GLY A 422 5.88 -7.81 -29.71
CA GLY A 422 4.74 -6.91 -29.41
C GLY A 422 3.43 -7.62 -29.08
N LYS A 423 3.45 -8.95 -29.09
CA LYS A 423 2.32 -9.78 -28.61
C LYS A 423 2.29 -9.86 -27.08
N GLU A 424 3.43 -9.63 -26.41
CA GLU A 424 3.58 -9.83 -24.96
C GLU A 424 4.31 -8.66 -24.29
N ALA A 425 4.24 -7.47 -24.90
CA ALA A 425 5.01 -6.28 -24.52
C ALA A 425 4.76 -5.17 -25.55
N LYS A 426 5.29 -3.99 -25.21
CA LYS A 426 5.28 -2.87 -26.10
C LYS A 426 5.99 -3.29 -27.39
N THR A 427 5.45 -2.81 -28.52
CA THR A 427 6.02 -3.18 -29.84
C THR A 427 7.28 -2.33 -30.12
N PRO A 428 8.44 -2.99 -30.29
CA PRO A 428 9.68 -2.29 -30.62
C PRO A 428 9.61 -1.44 -31.89
N LEU A 429 10.45 -0.40 -31.95
CA LEU A 429 10.39 0.58 -33.03
C LEU A 429 11.20 0.10 -34.24
N VAL A 430 10.47 -0.18 -35.33
CA VAL A 430 11.06 -0.62 -36.60
C VAL A 430 12.21 0.33 -37.00
N GLN A 431 11.93 1.63 -36.99
CA GLN A 431 12.84 2.58 -37.60
C GLN A 431 14.13 2.65 -36.77
N LEU A 432 14.00 2.44 -35.45
CA LEU A 432 15.14 2.54 -34.55
C LEU A 432 16.03 1.32 -34.73
N LEU A 433 15.42 0.16 -34.94
CA LEU A 433 16.14 -1.07 -35.19
C LEU A 433 16.78 -1.05 -36.59
N ARG A 434 16.09 -0.49 -37.60
CA ARG A 434 16.67 -0.26 -38.96
C ARG A 434 17.95 0.60 -38.84
N TYR A 435 17.79 1.76 -38.21
CA TYR A 435 18.88 2.68 -37.96
C TYR A 435 20.01 1.94 -37.24
N LEU A 436 19.70 1.28 -36.12
CA LEU A 436 20.75 0.63 -35.31
C LEU A 436 21.51 -0.40 -36.15
N TYR A 437 20.83 -1.07 -37.08
CA TYR A 437 21.52 -2.07 -37.89
C TYR A 437 22.35 -1.41 -38.99
N SER A 438 21.96 -0.21 -39.45
CA SER A 438 22.83 0.53 -40.36
C SER A 438 24.19 0.77 -39.69
N ARG A 439 24.24 0.79 -38.35
CA ARG A 439 25.43 1.20 -37.59
C ARG A 439 26.05 0.02 -36.82
N LYS A 440 25.83 -1.22 -37.28
CA LYS A 440 26.41 -2.47 -36.69
C LYS A 440 27.93 -2.36 -36.49
N ASP A 441 28.56 -1.61 -37.41
CA ASP A 441 30.02 -1.41 -37.49
C ASP A 441 30.46 -0.37 -36.45
N ASP A 442 29.53 0.48 -35.97
CA ASP A 442 29.86 1.62 -35.07
C ASP A 442 29.69 1.26 -33.58
N ILE A 443 28.90 0.23 -33.27
CA ILE A 443 28.45 -0.11 -31.91
C ILE A 443 27.99 -1.57 -31.87
N ALA A 444 28.52 -2.33 -30.92
CA ALA A 444 28.17 -3.72 -30.74
C ALA A 444 26.87 -3.84 -29.93
N VAL A 445 26.13 -4.93 -30.16
CA VAL A 445 24.75 -5.10 -29.73
C VAL A 445 24.65 -4.98 -28.21
N ASP A 446 25.63 -5.48 -27.46
CA ASP A 446 25.56 -5.40 -25.99
C ASP A 446 25.78 -3.95 -25.52
N LYS A 447 26.33 -3.10 -26.40
CA LYS A 447 26.53 -1.67 -26.13
C LYS A 447 25.27 -0.87 -26.56
N ILE A 448 24.55 -1.34 -27.56
CA ILE A 448 23.25 -0.76 -27.84
C ILE A 448 22.40 -0.88 -26.56
N ILE A 449 22.42 -2.06 -25.93
CA ILE A 449 21.54 -2.30 -24.79
C ILE A 449 22.01 -1.41 -23.63
N ASP A 450 23.33 -1.39 -23.41
CA ASP A 450 23.91 -0.66 -22.26
C ASP A 450 23.67 0.84 -22.44
N GLY A 451 23.76 1.34 -23.68
CA GLY A 451 23.55 2.73 -24.02
C GLY A 451 22.11 3.13 -23.79
N ILE A 452 21.18 2.29 -24.26
CA ILE A 452 19.73 2.53 -24.07
C ILE A 452 19.39 2.49 -22.58
N THR A 453 19.95 1.51 -21.87
CA THR A 453 19.77 1.38 -20.42
C THR A 453 20.29 2.65 -19.73
N PHE A 454 21.45 3.15 -20.18
CA PHE A 454 22.07 4.34 -19.58
C PHE A 454 21.10 5.51 -19.72
N LEU A 455 20.57 5.72 -20.94
CA LEU A 455 19.68 6.85 -21.21
C LEU A 455 18.44 6.77 -20.28
N SER A 456 17.90 5.56 -20.14
CA SER A 456 16.61 5.34 -19.46
C SER A 456 16.80 5.53 -17.97
N LYS A 457 17.83 4.87 -17.41
CA LYS A 457 18.06 4.95 -15.97
C LYS A 457 18.40 6.39 -15.57
N LYS A 458 19.23 7.09 -16.36
CA LYS A 458 19.62 8.47 -16.06
C LYS A 458 18.41 9.40 -16.08
N HIS A 459 17.50 9.22 -17.05
CA HIS A 459 16.27 10.02 -17.03
C HIS A 459 15.43 9.71 -15.79
N LYS A 460 15.35 8.43 -15.44
CA LYS A 460 14.53 7.99 -14.32
C LYS A 460 15.06 8.64 -13.03
N VAL A 461 16.33 8.44 -12.69
CA VAL A 461 16.87 8.95 -11.41
C VAL A 461 16.74 10.49 -11.30
N GLU A 462 16.91 11.21 -12.42
CA GLU A 462 17.04 12.67 -12.40
C GLU A 462 15.67 13.34 -12.36
N LYS A 463 14.60 12.56 -12.64
CA LYS A 463 13.23 13.11 -12.50
C LYS A 463 12.71 12.98 -11.06
N GLN A 464 13.28 12.07 -10.26
CA GLN A 464 12.75 11.81 -8.93
C GLN A 464 12.61 13.17 -8.20
N LYS A 465 11.48 13.41 -7.51
CA LYS A 465 11.17 14.71 -6.92
C LYS A 465 11.44 14.73 -5.41
N ILE A 466 11.93 15.88 -4.98
CA ILE A 466 12.13 16.21 -3.57
C ILE A 466 10.73 16.31 -2.95
N ASN A 467 10.58 16.16 -1.64
CA ASN A 467 9.26 16.34 -1.03
C ASN A 467 9.14 17.77 -0.54
N PRO A 468 8.09 18.50 -0.95
CA PRO A 468 7.89 19.87 -0.49
C PRO A 468 7.36 19.79 0.94
N VAL A 469 7.50 20.88 1.71
CA VAL A 469 7.05 20.90 3.10
C VAL A 469 5.73 21.68 3.17
N ILE A 470 4.66 20.89 3.36
CA ILE A 470 3.26 21.27 3.30
C ILE A 470 2.63 21.17 4.69
N GLN A 471 1.84 22.19 5.03
CA GLN A 471 1.23 22.25 6.33
C GLN A 471 0.19 21.16 6.43
N LYS A 472 -0.08 20.76 7.67
CA LYS A 472 -1.00 19.69 7.95
C LYS A 472 -2.41 20.27 8.08
N TYR A 473 -3.42 19.50 7.66
CA TYR A 473 -4.76 19.78 8.11
C TYR A 473 -4.90 19.12 9.48
N PRO A 474 -5.05 19.92 10.56
CA PRO A 474 -4.89 19.39 11.91
C PRO A 474 -6.10 18.66 12.51
N SER A 475 -5.79 17.93 13.57
CA SER A 475 -6.76 17.26 14.36
C SER A 475 -6.15 17.16 15.76
N PHE A 476 -6.99 17.09 16.79
CA PHE A 476 -6.55 17.33 18.15
C PHE A 476 -7.06 16.21 19.04
N ASN A 477 -6.26 15.87 20.04
CA ASN A 477 -6.38 14.66 20.78
C ASN A 477 -6.67 14.96 22.24
N PHE A 478 -7.62 14.20 22.76
CA PHE A 478 -8.03 14.32 24.12
C PHE A 478 -7.91 12.97 24.80
N GLY A 479 -7.44 12.99 26.03
CA GLY A 479 -7.37 11.77 26.78
C GLY A 479 -6.82 11.97 28.17
N ASN A 480 -6.46 10.84 28.76
CA ASN A 480 -6.17 10.64 30.19
C ASN A 480 -4.86 11.34 30.61
N ASN A 481 -3.86 11.34 29.73
CA ASN A 481 -2.49 11.58 30.14
C ASN A 481 -1.76 12.31 29.01
N SER A 482 -1.14 13.43 29.40
CA SER A 482 -0.18 14.21 28.59
C SER A 482 -0.78 14.79 27.32
N LYS A 483 -2.09 15.08 27.33
CA LYS A 483 -2.73 15.77 26.20
C LYS A 483 -3.75 16.74 26.78
N LEU A 484 -4.59 17.31 25.93
CA LEU A 484 -5.82 17.96 26.34
C LEU A 484 -6.64 16.90 27.09
N LEU A 485 -7.21 17.26 28.23
CA LEU A 485 -7.84 16.28 29.11
C LEU A 485 -9.21 15.90 28.55
N GLY A 486 -9.49 14.60 28.51
CA GLY A 486 -10.76 14.12 28.06
C GLY A 486 -10.95 12.68 28.48
N LYS A 487 -12.19 12.22 28.46
CA LYS A 487 -12.46 10.82 28.68
C LYS A 487 -13.79 10.45 28.05
N ILE A 488 -13.95 9.15 27.78
CA ILE A 488 -15.26 8.55 27.53
C ILE A 488 -15.88 8.21 28.90
N ILE A 489 -17.12 8.59 29.13
CA ILE A 489 -17.78 8.21 30.37
C ILE A 489 -17.67 6.69 30.48
N SER A 490 -17.14 6.19 31.58
CA SER A 490 -16.99 4.76 31.72
C SER A 490 -18.38 4.16 31.72
N PRO A 491 -18.54 2.93 31.22
CA PRO A 491 -19.83 2.22 31.31
C PRO A 491 -20.49 2.23 32.70
N LYS A 492 -19.72 1.99 33.76
CA LYS A 492 -20.28 1.98 35.13
C LYS A 492 -20.78 3.37 35.54
N ASP A 493 -20.05 4.42 35.11
CA ASP A 493 -20.49 5.80 35.35
C ASP A 493 -21.73 6.08 34.50
N LYS A 494 -21.79 5.51 33.30
CA LYS A 494 -23.01 5.68 32.51
C LYS A 494 -24.18 5.18 33.33
N LEU A 495 -24.11 3.91 33.75
CA LEU A 495 -25.17 3.27 34.57
C LEU A 495 -25.54 4.19 35.74
N LYS A 496 -24.56 4.58 36.56
CA LYS A 496 -24.80 5.49 37.69
C LYS A 496 -25.53 6.76 37.24
N HIS A 497 -25.09 7.37 36.12
CA HIS A 497 -25.64 8.69 35.68
C HIS A 497 -27.12 8.59 35.31
N ASN A 498 -27.46 7.52 34.57
CA ASN A 498 -28.83 7.30 34.14
C ASN A 498 -29.73 7.03 35.37
N LEU A 499 -29.23 6.24 36.33
CA LEU A 499 -29.98 5.95 37.56
C LEU A 499 -30.24 7.26 38.33
N LYS A 500 -29.25 8.15 38.41
CA LYS A 500 -29.41 9.41 39.12
C LYS A 500 -30.46 10.29 38.40
N CYS A 501 -30.48 10.31 37.06
CA CYS A 501 -31.47 11.15 36.32
C CYS A 501 -32.81 10.42 36.11
N ASN A 502 -32.95 9.21 36.66
CA ASN A 502 -34.20 8.41 36.64
C ASN A 502 -34.60 8.02 35.20
N ARG A 503 -33.61 7.66 34.39
CA ARG A 503 -33.82 7.18 33.04
C ARG A 503 -33.47 5.69 32.96
N ASN A 504 -33.77 5.12 31.78
CA ASN A 504 -33.41 3.75 31.45
C ASN A 504 -31.93 3.52 31.81
N GLN A 505 -31.69 2.35 32.41
CA GLN A 505 -30.40 1.81 32.70
C GLN A 505 -29.46 2.00 31.50
N VAL A 506 -29.97 1.75 30.28
CA VAL A 506 -29.19 1.60 29.03
C VAL A 506 -29.86 2.39 27.92
N ASP A 507 -29.01 2.87 27.00
CA ASP A 507 -29.40 3.61 25.80
C ASP A 507 -28.27 3.41 24.78
N ASN A 508 -28.36 4.06 23.61
CA ASN A 508 -27.46 3.73 22.47
C ASN A 508 -26.50 4.89 22.12
N TYR A 509 -26.21 5.77 23.08
CA TYR A 509 -25.32 6.89 22.87
C TYR A 509 -24.13 6.81 23.82
N ILE A 510 -23.04 7.45 23.38
CA ILE A 510 -21.70 7.42 24.01
C ILE A 510 -21.33 8.87 24.29
N TRP A 511 -21.05 9.18 25.56
CA TRP A 511 -20.75 10.52 26.01
C TRP A 511 -19.25 10.64 26.29
N ILE A 512 -18.69 11.80 25.93
CA ILE A 512 -17.31 12.16 26.29
C ILE A 512 -17.39 13.40 27.18
N GLU A 513 -16.39 13.54 28.07
CA GLU A 513 -16.16 14.76 28.83
C GLU A 513 -14.73 15.23 28.52
N ILE A 514 -14.63 16.47 28.06
CA ILE A 514 -13.39 17.02 27.59
C ILE A 514 -13.24 18.44 28.14
N LYS A 515 -11.99 18.80 28.48
CA LYS A 515 -11.63 20.07 28.95
C LYS A 515 -11.23 20.89 27.75
N VAL A 516 -11.90 22.03 27.63
CA VAL A 516 -11.86 22.85 26.48
C VAL A 516 -11.76 24.31 26.92
N LEU A 517 -11.13 25.12 26.08
CA LEU A 517 -10.98 26.55 26.33
C LEU A 517 -12.27 27.25 25.89
N ASN A 518 -12.93 27.97 26.81
CA ASN A 518 -13.94 28.97 26.45
C ASN A 518 -13.22 30.14 25.76
N THR A 519 -13.39 30.32 24.45
CA THR A 519 -12.61 31.36 23.75
C THR A 519 -12.98 32.78 24.24
N LYS A 520 -14.16 32.95 24.87
CA LYS A 520 -14.61 34.29 25.34
C LYS A 520 -13.86 34.69 26.61
N THR A 521 -13.63 33.72 27.51
CA THR A 521 -12.89 33.95 28.78
C THR A 521 -11.41 33.58 28.68
N MSE A 522 -11.01 32.84 27.63
CA MSE A 522 -9.72 32.18 27.58
C MSE A 522 -9.31 31.44 28.87
O MSE A 522 -8.14 31.44 29.25
CB MSE A 522 -8.65 33.16 27.08
CG MSE A 522 -8.87 33.56 25.61
SE MSE A 522 -8.69 32.11 24.23
CE MSE A 522 -6.79 32.46 23.83
N ARG A 523 -10.30 30.79 29.51
CA ARG A 523 -10.12 29.84 30.58
C ARG A 523 -10.81 28.51 30.19
N TRP A 524 -10.41 27.44 30.88
CA TRP A 524 -10.76 26.05 30.63
C TRP A 524 -12.07 25.72 31.35
N GLU A 525 -12.88 24.89 30.69
CA GLU A 525 -14.19 24.42 31.19
C GLU A 525 -14.32 22.97 30.75
N LYS A 526 -14.88 22.11 31.62
CA LYS A 526 -15.22 20.77 31.21
C LYS A 526 -16.63 20.74 30.64
N HIS A 527 -16.79 20.02 29.52
CA HIS A 527 -18.05 19.92 28.81
C HIS A 527 -18.24 18.49 28.26
N HIS A 528 -19.51 18.07 28.30
CA HIS A 528 -19.97 16.77 27.84
C HIS A 528 -20.44 16.93 26.40
N TYR A 529 -20.10 15.97 25.56
CA TYR A 529 -20.63 15.91 24.22
C TYR A 529 -21.04 14.46 23.94
N ALA A 530 -21.94 14.32 22.97
CA ALA A 530 -22.59 13.09 22.65
C ALA A 530 -22.10 12.54 21.30
N LEU A 531 -21.81 11.24 21.27
CA LEU A 531 -21.46 10.51 20.07
C LEU A 531 -22.37 9.28 19.87
N SER A 532 -22.32 8.72 18.67
CA SER A 532 -22.99 7.49 18.37
C SER A 532 -22.10 6.63 17.48
N SER A 533 -22.00 5.34 17.80
CA SER A 533 -21.43 4.36 16.91
C SER A 533 -21.85 2.95 17.33
N THR A 534 -22.73 2.35 16.54
CA THR A 534 -23.18 1.03 16.79
C THR A 534 -21.99 0.07 16.96
N ARG A 535 -21.00 0.17 16.05
CA ARG A 535 -19.85 -0.75 16.11
C ARG A 535 -19.17 -0.57 17.47
N PHE A 536 -19.01 0.69 17.93
CA PHE A 536 -18.42 0.88 19.27
C PHE A 536 -19.33 0.20 20.32
N LEU A 537 -20.65 0.39 20.24
CA LEU A 537 -21.60 -0.23 21.20
C LEU A 537 -21.36 -1.74 21.27
N GLU A 538 -21.49 -2.41 20.12
CA GLU A 538 -21.38 -3.84 20.06
C GLU A 538 -20.10 -4.34 20.72
N GLU A 539 -18.97 -3.76 20.27
CA GLU A 539 -17.66 -4.37 20.42
C GLU A 539 -17.08 -3.98 21.79
N VAL A 540 -17.52 -2.85 22.36
CA VAL A 540 -16.83 -2.27 23.52
C VAL A 540 -17.77 -1.83 24.65
N TYR A 541 -18.63 -0.86 24.34
CA TYR A 541 -19.17 0.04 25.35
C TYR A 541 -20.39 -0.55 26.06
N TYR A 542 -21.35 -1.05 25.27
CA TYR A 542 -22.63 -1.53 25.81
C TYR A 542 -22.36 -2.51 26.94
N PRO A 543 -22.97 -2.28 28.12
CA PRO A 543 -22.60 -3.01 29.33
C PRO A 543 -23.24 -4.38 29.41
N ALA A 544 -22.42 -5.38 29.74
CA ALA A 544 -22.92 -6.65 30.25
C ALA A 544 -23.37 -6.43 31.70
N THR A 545 -24.64 -6.09 31.87
CA THR A 545 -25.20 -5.84 33.20
C THR A 545 -25.60 -7.12 33.93
N SER A 546 -26.07 -8.11 33.17
CA SER A 546 -26.50 -9.37 33.75
C SER A 546 -25.41 -10.00 34.63
N GLU A 547 -25.80 -10.45 35.81
CA GLU A 547 -24.87 -11.07 36.74
C GLU A 547 -24.27 -12.34 36.15
N ASN A 548 -23.01 -12.59 36.45
CA ASN A 548 -22.32 -13.80 35.92
C ASN A 548 -22.37 -13.79 34.40
N PRO A 549 -21.85 -12.72 33.75
CA PRO A 549 -21.69 -12.69 32.30
C PRO A 549 -20.52 -13.55 31.84
N PRO A 550 -20.45 -13.95 30.54
CA PRO A 550 -19.27 -14.63 30.03
C PRO A 550 -18.06 -13.67 30.14
N ASP A 551 -16.88 -14.24 30.44
CA ASP A 551 -15.64 -13.50 30.59
C ASP A 551 -15.40 -12.66 29.32
N ALA A 552 -14.71 -11.54 29.49
CA ALA A 552 -14.05 -10.81 28.39
C ALA A 552 -13.17 -11.78 27.59
N LEU A 553 -13.07 -11.49 26.30
CA LEU A 553 -12.42 -12.37 25.35
C LEU A 553 -10.92 -12.03 25.34
N ALA A 554 -10.11 -13.03 24.97
CA ALA A 554 -8.67 -12.91 24.90
C ALA A 554 -8.29 -11.66 24.10
N ALA A 555 -8.68 -11.63 22.83
CA ALA A 555 -8.70 -10.40 22.04
C ALA A 555 -9.90 -9.59 22.53
N ARG A 556 -9.77 -8.29 22.70
CA ARG A 556 -10.64 -7.63 23.70
C ARG A 556 -12.06 -7.45 23.12
N PHE A 557 -12.17 -7.16 21.82
CA PHE A 557 -13.40 -6.60 21.24
C PHE A 557 -14.42 -7.73 21.04
N ARG A 558 -15.69 -7.38 21.14
CA ARG A 558 -16.74 -8.37 21.10
C ARG A 558 -17.14 -8.56 19.64
N THR A 559 -16.45 -9.47 18.95
CA THR A 559 -16.62 -9.70 17.51
C THR A 559 -16.72 -11.20 17.22
N LYS A 560 -17.26 -11.49 16.03
CA LYS A 560 -17.42 -12.84 15.57
C LYS A 560 -16.04 -13.48 15.36
N THR A 561 -15.10 -12.70 14.81
CA THR A 561 -13.74 -13.23 14.59
C THR A 561 -13.10 -13.58 15.95
N ASN A 562 -13.53 -12.93 17.04
CA ASN A 562 -12.96 -13.17 18.38
C ASN A 562 -13.79 -14.18 19.20
N GLY A 563 -14.87 -14.72 18.61
CA GLY A 563 -15.76 -15.72 19.28
C GLY A 563 -16.92 -15.08 20.03
N TYR A 564 -17.75 -14.35 19.30
CA TYR A 564 -19.04 -13.88 19.76
C TYR A 564 -19.93 -13.69 18.54
N GLU A 565 -20.88 -14.62 18.34
CA GLU A 565 -21.69 -14.64 17.12
C GLU A 565 -22.63 -13.43 17.14
N GLY A 566 -23.14 -13.07 18.32
CA GLY A 566 -23.96 -11.88 18.54
C GLY A 566 -25.25 -11.90 17.72
N LYS A 567 -25.83 -13.10 17.57
CA LYS A 567 -27.15 -13.31 16.93
C LYS A 567 -28.03 -14.08 17.92
N PRO A 568 -28.56 -13.42 18.96
CA PRO A 568 -29.49 -14.06 19.89
C PRO A 568 -30.93 -14.06 19.34
N ALA A 569 -31.76 -14.94 19.89
CA ALA A 569 -33.19 -15.04 19.52
C ALA A 569 -33.96 -13.85 20.13
N LEU A 570 -34.53 -13.02 19.26
CA LEU A 570 -35.20 -11.78 19.67
C LEU A 570 -36.61 -12.03 20.21
N SER A 571 -36.99 -11.26 21.23
CA SER A 571 -38.36 -11.25 21.73
C SER A 571 -39.29 -10.70 20.65
N ALA A 572 -40.59 -10.94 20.84
CA ALA A 572 -41.63 -10.58 19.90
C ALA A 572 -41.64 -9.08 19.69
N GLU A 573 -41.57 -8.31 20.78
CA GLU A 573 -41.63 -6.83 20.71
C GLU A 573 -40.39 -6.29 19.99
N GLN A 574 -39.23 -6.93 20.21
CA GLN A 574 -37.94 -6.49 19.62
C GLN A 574 -38.07 -6.57 18.09
N ILE A 575 -38.59 -7.71 17.62
CA ILE A 575 -38.78 -7.98 16.20
C ILE A 575 -39.66 -6.89 15.58
N GLU A 576 -40.70 -6.49 16.31
CA GLU A 576 -41.71 -5.59 15.79
C GLU A 576 -41.17 -4.15 15.81
N GLN A 577 -40.21 -3.88 16.71
CA GLN A 577 -39.50 -2.57 16.68
C GLN A 577 -38.74 -2.44 15.36
N ILE A 578 -38.09 -3.55 14.99
CA ILE A 578 -37.35 -3.65 13.75
C ILE A 578 -38.33 -3.37 12.61
N ARG A 579 -39.40 -4.19 12.53
CA ARG A 579 -40.37 -4.16 11.42
C ARG A 579 -41.05 -2.79 11.29
N SER A 580 -41.26 -2.09 12.42
CA SER A 580 -42.01 -0.81 12.42
C SER A 580 -41.07 0.39 12.20
N ALA A 581 -39.75 0.16 12.23
CA ALA A 581 -38.78 1.25 12.05
C ALA A 581 -38.76 1.69 10.60
N PRO A 582 -38.60 3.01 10.30
CA PRO A 582 -38.44 3.49 8.93
C PRO A 582 -37.36 2.67 8.22
N VAL A 583 -37.51 2.52 6.90
CA VAL A 583 -36.62 1.67 6.08
C VAL A 583 -35.16 2.14 6.22
N GLY A 584 -34.96 3.46 6.38
CA GLY A 584 -33.63 4.07 6.53
C GLY A 584 -32.93 3.74 7.84
N LEU A 585 -33.66 3.20 8.83
CA LEU A 585 -33.14 3.02 10.20
C LEU A 585 -33.24 1.56 10.66
N ARG A 586 -33.79 0.67 9.81
CA ARG A 586 -34.13 -0.70 10.19
C ARG A 586 -32.86 -1.51 10.48
N LYS A 587 -31.79 -1.26 9.69
CA LYS A 587 -30.53 -2.01 9.79
C LYS A 587 -29.82 -1.69 11.11
N VAL A 588 -29.84 -0.41 11.48
CA VAL A 588 -29.21 0.00 12.73
C VAL A 588 -30.01 -0.56 13.90
N LYS A 589 -31.34 -0.41 13.84
CA LYS A 589 -32.21 -0.86 14.93
C LYS A 589 -32.09 -2.38 15.12
N LYS A 590 -31.94 -3.13 14.02
CA LYS A 590 -31.77 -4.58 14.13
C LYS A 590 -30.52 -4.89 14.95
N ARG A 591 -29.42 -4.14 14.73
CA ARG A 591 -28.14 -4.40 15.47
C ARG A 591 -28.32 -4.01 16.93
N GLN A 592 -29.00 -2.88 17.18
CA GLN A 592 -29.31 -2.44 18.55
C GLN A 592 -30.13 -3.52 19.26
N MSE A 593 -31.26 -3.91 18.64
CA MSE A 593 -32.05 -5.01 19.15
C MSE A 593 -31.23 -6.28 19.43
O MSE A 593 -31.31 -6.86 20.50
CB MSE A 593 -33.18 -5.47 18.23
CG MSE A 593 -34.43 -4.58 18.11
SE MSE A 593 -35.04 -3.51 19.66
CE MSE A 593 -34.42 -4.44 21.28
N ARG A 594 -30.44 -6.72 18.46
CA ARG A 594 -29.66 -7.93 18.65
C ARG A 594 -28.72 -7.73 19.84
N LEU A 595 -28.20 -6.52 20.00
CA LEU A 595 -27.28 -6.18 21.11
C LEU A 595 -28.03 -6.24 22.45
N GLU A 596 -29.19 -5.57 22.50
CA GLU A 596 -30.04 -5.50 23.70
C GLU A 596 -30.52 -6.90 24.13
N ALA A 597 -31.02 -7.72 23.19
CA ALA A 597 -31.35 -9.13 23.52
C ALA A 597 -30.16 -9.77 24.23
N ALA A 598 -28.96 -9.60 23.67
CA ALA A 598 -27.78 -10.31 24.12
C ALA A 598 -27.43 -9.91 25.56
N ARG A 599 -27.70 -8.64 25.89
CA ARG A 599 -27.51 -8.16 27.27
C ARG A 599 -28.50 -8.88 28.21
N GLN A 600 -29.80 -8.78 27.90
CA GLN A 600 -30.89 -9.39 28.68
C GLN A 600 -30.68 -10.91 28.85
N GLN A 601 -30.26 -11.62 27.80
CA GLN A 601 -30.19 -13.09 27.86
C GLN A 601 -28.81 -13.54 28.38
N ASN A 602 -28.00 -12.60 28.86
CA ASN A 602 -26.66 -12.87 29.46
C ASN A 602 -25.76 -13.59 28.44
N LEU A 603 -25.88 -13.19 27.17
CA LEU A 603 -25.01 -13.72 26.13
C LEU A 603 -23.88 -12.73 25.82
N LEU A 604 -24.09 -11.44 26.14
CA LEU A 604 -23.10 -10.38 25.86
C LEU A 604 -21.92 -10.54 26.79
N PRO A 605 -20.68 -10.77 26.28
CA PRO A 605 -19.50 -10.85 27.16
C PRO A 605 -19.03 -9.49 27.72
N ARG A 606 -18.22 -9.55 28.76
CA ARG A 606 -17.67 -8.35 29.35
C ARG A 606 -16.72 -7.70 28.35
N TYR A 607 -16.54 -6.39 28.50
CA TYR A 607 -15.39 -5.69 28.02
C TYR A 607 -14.73 -5.05 29.23
N THR A 608 -13.43 -5.31 29.43
CA THR A 608 -12.66 -4.72 30.50
C THR A 608 -12.35 -3.25 30.15
N TRP A 609 -13.10 -2.35 30.74
CA TRP A 609 -12.89 -0.94 30.60
C TRP A 609 -11.50 -0.56 31.12
N GLY A 610 -10.87 0.39 30.44
CA GLY A 610 -9.75 1.19 30.93
C GLY A 610 -9.82 2.60 30.35
N LYS A 611 -8.86 3.45 30.71
CA LYS A 611 -8.72 4.79 30.11
C LYS A 611 -7.81 4.69 28.88
N ASP A 612 -8.19 3.79 27.97
CA ASP A 612 -7.36 3.30 26.89
C ASP A 612 -7.71 3.95 25.54
N PHE A 613 -8.80 4.73 25.47
CA PHE A 613 -9.24 5.29 24.20
C PHE A 613 -8.90 6.78 24.11
N ASN A 614 -8.08 7.14 23.12
CA ASN A 614 -7.87 8.50 22.71
C ASN A 614 -9.11 8.97 21.95
N ILE A 615 -9.37 10.28 22.09
CA ILE A 615 -10.45 10.94 21.40
C ILE A 615 -9.82 11.92 20.40
N ASN A 616 -9.98 11.64 19.11
CA ASN A 616 -9.42 12.51 18.09
C ASN A 616 -10.59 13.31 17.52
N ILE A 617 -10.42 14.64 17.43
CA ILE A 617 -11.43 15.52 16.86
C ILE A 617 -10.82 16.30 15.69
N CYS A 618 -11.47 16.19 14.52
CA CYS A 618 -11.15 16.96 13.33
C CYS A 618 -12.37 17.82 12.96
N LYS A 619 -12.20 19.15 12.89
CA LYS A 619 -13.28 20.00 12.51
C LYS A 619 -13.08 20.41 11.04
N ARG A 620 -14.07 20.05 10.22
CA ARG A 620 -14.14 20.48 8.81
C ARG A 620 -15.46 21.25 8.60
N GLY A 621 -15.36 22.57 8.44
CA GLY A 621 -16.53 23.44 8.44
C GLY A 621 -17.29 23.35 9.76
N ASN A 622 -18.58 23.02 9.69
CA ASN A 622 -19.36 22.83 10.88
C ASN A 622 -19.48 21.34 11.23
N ASN A 623 -18.74 20.46 10.55
CA ASN A 623 -18.76 19.06 10.94
C ASN A 623 -17.63 18.78 11.94
N PHE A 624 -17.93 17.99 12.98
CA PHE A 624 -16.88 17.44 13.87
C PHE A 624 -16.68 15.96 13.58
N GLU A 625 -15.45 15.55 13.23
CA GLU A 625 -15.18 14.11 13.07
C GLU A 625 -14.47 13.64 14.34
N VAL A 626 -15.12 12.76 15.10
CA VAL A 626 -14.57 12.26 16.32
C VAL A 626 -14.17 10.82 16.15
N THR A 627 -12.89 10.48 16.40
CA THR A 627 -12.43 9.08 16.34
C THR A 627 -11.97 8.59 17.71
N LEU A 628 -12.31 7.35 18.05
CA LEU A 628 -11.87 6.72 19.29
C LEU A 628 -10.91 5.59 18.91
N ALA A 629 -9.68 5.67 19.40
CA ALA A 629 -8.69 4.69 19.05
C ALA A 629 -7.99 4.25 20.33
N THR A 630 -7.60 2.96 20.37
CA THR A 630 -6.97 2.34 21.53
C THR A 630 -5.75 1.56 21.08
N LYS A 631 -4.75 1.47 21.95
CA LYS A 631 -3.62 0.62 21.66
C LYS A 631 -4.04 -0.84 21.83
N VAL A 632 -3.49 -1.71 20.99
CA VAL A 632 -3.62 -3.15 21.14
C VAL A 632 -2.22 -3.71 21.23
N LYS A 633 -1.94 -4.34 22.38
CA LYS A 633 -0.64 -4.89 22.72
C LYS A 633 -0.63 -6.38 22.37
N LYS A 634 0.56 -6.84 21.96
CA LYS A 634 0.81 -8.21 21.57
C LYS A 634 2.27 -8.58 21.90
N LYS A 635 2.49 -9.84 22.27
CA LYS A 635 3.84 -10.43 22.39
C LYS A 635 3.97 -11.51 21.30
N LYS A 636 5.04 -11.44 20.51
CA LYS A 636 5.29 -12.40 19.42
C LYS A 636 5.38 -13.82 20.00
N GLU A 637 5.01 -14.80 19.17
CA GLU A 637 5.17 -16.23 19.52
C GLU A 637 5.75 -16.95 18.31
N LYS A 638 7.08 -17.08 18.30
CA LYS A 638 7.84 -17.58 17.16
C LYS A 638 7.81 -19.13 17.12
N ASN A 639 7.42 -19.79 18.20
CA ASN A 639 7.38 -21.26 18.24
C ASN A 639 6.19 -21.76 17.39
N TYR A 640 6.28 -21.57 16.07
CA TYR A 640 5.20 -21.85 15.11
C TYR A 640 4.89 -23.36 15.04
N LYS A 641 3.59 -23.70 14.91
CA LYS A 641 3.13 -25.08 14.67
C LYS A 641 2.60 -25.24 13.25
N VAL A 642 2.11 -24.15 12.66
CA VAL A 642 1.49 -24.18 11.33
C VAL A 642 1.99 -23.01 10.49
N VAL A 643 2.17 -23.28 9.21
CA VAL A 643 2.34 -22.27 8.22
C VAL A 643 1.13 -22.24 7.30
N LEU A 644 0.62 -21.02 7.06
CA LEU A 644 -0.53 -20.79 6.22
C LEU A 644 -0.08 -19.95 5.02
N GLY A 645 0.13 -20.63 3.90
CA GLY A 645 0.48 -19.99 2.68
C GLY A 645 -0.75 -19.39 2.07
N TYR A 646 -0.58 -18.29 1.35
CA TYR A 646 -1.68 -17.58 0.71
C TYR A 646 -1.15 -17.12 -0.66
N ALA A 647 -1.94 -17.31 -1.70
CA ALA A 647 -1.58 -16.94 -3.04
C ALA A 647 -2.65 -16.01 -3.60
N ALA A 648 -2.23 -14.90 -4.21
CA ALA A 648 -3.14 -13.84 -4.69
C ALA A 648 -3.23 -13.92 -6.21
N ASN A 649 -4.46 -13.76 -6.74
CA ASN A 649 -4.77 -13.93 -8.14
C ASN A 649 -5.68 -12.78 -8.52
N ILE A 650 -5.94 -12.65 -9.82
CA ILE A 650 -6.66 -11.51 -10.31
C ILE A 650 -8.06 -11.97 -10.66
N VAL A 651 -8.17 -12.93 -11.58
CA VAL A 651 -9.44 -13.38 -12.11
C VAL A 651 -9.91 -14.61 -11.32
N ARG A 652 -9.04 -15.61 -11.20
CA ARG A 652 -9.35 -16.79 -10.41
C ARG A 652 -9.50 -16.34 -8.95
N LYS A 653 -9.63 -17.33 -8.08
CA LYS A 653 -9.81 -17.11 -6.67
C LYS A 653 -8.45 -17.10 -5.99
N ASN A 654 -8.36 -16.35 -4.91
CA ASN A 654 -7.23 -16.46 -4.01
C ASN A 654 -7.36 -17.83 -3.31
N THR A 655 -6.24 -18.35 -2.81
CA THR A 655 -6.15 -19.65 -2.17
C THR A 655 -5.24 -19.59 -0.95
N TYR A 656 -5.48 -20.53 -0.04
CA TYR A 656 -4.61 -20.75 1.12
C TYR A 656 -4.27 -22.24 1.21
N ALA A 657 -3.23 -22.54 2.00
CA ALA A 657 -2.83 -23.91 2.26
C ALA A 657 -2.13 -23.96 3.64
N ALA A 658 -2.54 -24.89 4.52
CA ALA A 658 -1.98 -25.01 5.87
C ALA A 658 -1.06 -26.24 5.95
N ILE A 659 0.09 -26.05 6.56
CA ILE A 659 1.15 -27.06 6.66
C ILE A 659 1.48 -27.20 8.13
N GLU A 660 1.23 -28.38 8.70
CA GLU A 660 1.61 -28.67 10.09
C GLU A 660 3.12 -28.90 10.08
N ALA A 661 3.84 -28.22 10.99
CA ALA A 661 5.28 -28.46 11.16
C ALA A 661 5.53 -29.36 12.37
N HIS A 662 6.70 -30.01 12.40
CA HIS A 662 7.02 -30.95 13.46
C HIS A 662 5.87 -31.97 13.58
N ALA A 663 5.47 -32.56 12.44
CA ALA A 663 4.28 -33.45 12.40
C ALA A 663 4.68 -34.89 12.78
N ASN A 664 3.66 -35.70 13.07
CA ASN A 664 3.82 -37.12 13.37
C ASN A 664 2.57 -37.85 12.85
N GLY A 665 2.68 -39.16 12.69
CA GLY A 665 1.52 -40.00 12.38
C GLY A 665 1.36 -40.24 10.90
N ASP A 666 0.10 -40.28 10.45
CA ASP A 666 -0.25 -40.83 9.16
C ASP A 666 0.42 -40.02 8.05
N GLY A 667 -0.18 -38.87 7.71
CA GLY A 667 0.07 -38.22 6.40
C GLY A 667 1.40 -37.49 6.31
N VAL A 668 2.37 -37.86 7.16
CA VAL A 668 3.59 -37.12 7.34
C VAL A 668 4.45 -37.23 6.08
N ILE A 669 5.15 -36.12 5.77
CA ILE A 669 6.17 -36.08 4.75
C ILE A 669 7.48 -35.65 5.41
N ASP A 670 8.57 -36.33 5.03
CA ASP A 670 9.91 -35.93 5.39
C ASP A 670 10.37 -34.83 4.43
N TYR A 671 10.58 -33.62 4.97
CA TYR A 671 11.02 -32.50 4.15
C TYR A 671 12.27 -31.83 4.70
N ASN A 672 13.36 -32.36 4.18
CA ASN A 672 14.71 -31.98 4.46
C ASN A 672 14.89 -31.95 5.93
N ASP A 673 14.62 -33.10 6.53
CA ASP A 673 14.69 -33.41 7.95
C ASP A 673 13.60 -32.85 8.85
N LEU A 674 12.71 -32.07 8.30
CA LEU A 674 11.64 -31.52 9.05
C LEU A 674 10.42 -32.31 8.71
N PRO A 675 9.77 -32.87 9.72
CA PRO A 675 8.52 -33.59 9.52
C PRO A 675 7.32 -32.64 9.39
N VAL A 676 6.63 -32.73 8.25
CA VAL A 676 5.55 -31.81 7.91
C VAL A 676 4.38 -32.63 7.35
N LYS A 677 3.19 -32.03 7.38
CA LYS A 677 1.96 -32.66 6.91
C LYS A 677 1.06 -31.59 6.30
N PRO A 678 0.55 -31.78 5.06
CA PRO A 678 -0.52 -30.96 4.52
C PRO A 678 -1.75 -31.15 5.42
N ILE A 679 -2.37 -30.04 5.83
CA ILE A 679 -3.54 -30.05 6.68
C ILE A 679 -4.77 -29.86 5.80
N GLU A 680 -4.72 -28.83 4.95
CA GLU A 680 -5.81 -28.48 4.03
C GLU A 680 -5.39 -27.33 3.10
N SER A 681 -6.18 -27.16 2.04
CA SER A 681 -6.08 -26.07 1.11
C SER A 681 -7.50 -25.65 0.75
N GLY A 682 -7.66 -24.47 0.17
CA GLY A 682 -8.99 -23.93 -0.05
C GLY A 682 -8.99 -22.64 -0.86
N PHE A 683 -10.19 -22.26 -1.28
CA PHE A 683 -10.43 -21.01 -1.93
C PHE A 683 -10.99 -20.01 -0.93
N VAL A 684 -10.66 -18.76 -1.19
CA VAL A 684 -11.21 -17.66 -0.44
C VAL A 684 -12.52 -17.30 -1.12
N THR A 685 -13.61 -17.42 -0.39
CA THR A 685 -14.94 -17.09 -0.94
C THR A 685 -15.59 -16.12 0.05
N VAL A 686 -16.47 -15.24 -0.42
CA VAL A 686 -17.26 -14.42 0.50
C VAL A 686 -18.73 -14.59 0.12
N GLU A 687 -19.38 -15.54 0.82
CA GLU A 687 -20.75 -15.94 0.51
C GLU A 687 -21.69 -14.94 1.19
N SER A 688 -22.59 -14.34 0.41
CA SER A 688 -23.72 -13.59 0.95
C SER A 688 -25.03 -14.28 0.52
N GLN A 689 -25.95 -14.47 1.47
CA GLN A 689 -27.17 -15.25 1.27
C GLN A 689 -28.30 -14.30 0.91
N VAL A 690 -29.02 -14.65 -0.14
CA VAL A 690 -30.21 -13.98 -0.54
C VAL A 690 -31.14 -15.16 -0.58
N ARG A 691 -32.09 -15.23 0.33
CA ARG A 691 -33.07 -16.31 0.44
C ARG A 691 -32.33 -17.60 0.75
N ASP A 692 -32.51 -18.64 -0.04
CA ASP A 692 -31.84 -19.88 0.19
C ASP A 692 -30.65 -20.06 -0.71
N LYS A 693 -30.41 -19.06 -1.55
CA LYS A 693 -29.31 -19.01 -2.45
C LYS A 693 -28.18 -18.28 -1.74
N SER A 694 -27.00 -18.44 -2.25
CA SER A 694 -25.86 -17.70 -1.73
C SER A 694 -24.93 -17.28 -2.88
N TYR A 695 -24.48 -16.03 -2.84
CA TYR A 695 -23.63 -15.51 -3.90
C TYR A 695 -22.22 -15.11 -3.47
N ASP A 696 -21.23 -15.80 -4.01
CA ASP A 696 -19.82 -15.52 -3.75
C ASP A 696 -19.50 -14.12 -4.31
N GLN A 697 -19.39 -13.14 -3.41
CA GLN A 697 -19.06 -11.73 -3.78
C GLN A 697 -17.82 -11.68 -4.70
N LEU A 698 -16.84 -12.55 -4.47
CA LEU A 698 -15.56 -12.43 -5.15
C LEU A 698 -15.59 -13.00 -6.58
N SER A 699 -16.62 -13.77 -6.96
CA SER A 699 -16.55 -14.49 -8.28
C SER A 699 -17.84 -14.39 -9.10
N TYR A 700 -18.97 -14.10 -8.45
CA TYR A 700 -20.26 -13.98 -9.13
C TYR A 700 -20.13 -12.95 -10.26
N ASN A 701 -20.60 -13.33 -11.48
CA ASN A 701 -20.55 -12.47 -12.66
C ASN A 701 -21.97 -12.04 -13.10
N GLY A 702 -22.95 -12.15 -12.21
CA GLY A 702 -24.26 -11.57 -12.49
C GLY A 702 -25.20 -12.61 -13.07
N VAL A 703 -26.50 -12.26 -13.09
CA VAL A 703 -27.59 -13.14 -13.53
C VAL A 703 -27.41 -13.44 -15.01
N LYS A 704 -27.83 -14.64 -15.42
CA LYS A 704 -27.92 -14.99 -16.82
C LYS A 704 -28.95 -14.06 -17.47
N LEU A 705 -28.67 -13.68 -18.73
CA LEU A 705 -29.48 -12.73 -19.50
C LEU A 705 -30.89 -13.30 -19.73
N LEU A 706 -31.02 -14.63 -19.69
CA LEU A 706 -32.34 -15.32 -19.59
C LEU A 706 -33.34 -14.44 -18.84
N TYR A 707 -32.92 -13.92 -17.68
CA TYR A 707 -33.80 -13.20 -16.75
C TYR A 707 -33.73 -11.69 -16.93
N CYS A 708 -33.15 -11.22 -18.04
CA CYS A 708 -32.86 -9.81 -18.23
C CYS A 708 -33.35 -9.29 -19.60
N LYS A 709 -34.28 -10.00 -20.26
CA LYS A 709 -34.64 -9.74 -21.69
C LYS A 709 -35.13 -8.30 -21.88
N PRO A 710 -35.93 -7.72 -20.95
CA PRO A 710 -36.39 -6.33 -21.11
C PRO A 710 -35.21 -5.36 -21.18
N HIS A 711 -34.28 -5.50 -20.23
CA HIS A 711 -33.07 -4.71 -20.19
C HIS A 711 -32.35 -4.84 -21.54
N VAL A 712 -32.09 -6.07 -21.99
CA VAL A 712 -31.27 -6.30 -23.20
C VAL A 712 -32.04 -5.83 -24.45
N GLU A 713 -33.34 -6.13 -24.54
CA GLU A 713 -34.16 -5.66 -25.66
C GLU A 713 -34.09 -4.12 -25.70
N SER A 714 -34.15 -3.49 -24.51
CA SER A 714 -34.14 -2.02 -24.40
C SER A 714 -32.78 -1.46 -24.84
N ARG A 715 -31.71 -2.24 -24.61
CA ARG A 715 -30.34 -1.95 -25.08
C ARG A 715 -30.33 -2.05 -26.61
N ARG A 716 -30.79 -3.20 -27.12
CA ARG A 716 -30.87 -3.49 -28.56
C ARG A 716 -31.61 -2.37 -29.28
N SER A 717 -32.76 -1.97 -28.72
CA SER A 717 -33.62 -0.94 -29.32
C SER A 717 -32.81 0.34 -29.58
N PHE A 718 -31.96 0.72 -28.61
CA PHE A 718 -31.12 1.91 -28.72
C PHE A 718 -30.04 1.74 -29.80
N LEU A 719 -29.26 0.65 -29.72
CA LEU A 719 -28.04 0.50 -30.53
C LEU A 719 -28.38 0.47 -32.03
N GLU A 720 -29.55 -0.05 -32.38
CA GLU A 720 -30.07 -0.09 -33.77
C GLU A 720 -30.13 1.32 -34.38
N LYS A 721 -30.50 2.33 -33.57
CA LYS A 721 -30.59 3.73 -34.01
C LYS A 721 -29.21 4.31 -34.34
N TYR A 722 -28.13 3.63 -33.90
CA TYR A 722 -26.71 4.04 -34.11
C TYR A 722 -25.87 2.80 -34.52
N ARG A 723 -26.32 2.16 -35.61
CA ARG A 723 -25.75 0.99 -36.31
C ARG A 723 -24.35 1.29 -36.88
N ASN A 724 -24.31 2.43 -37.56
CA ASN A 724 -23.17 2.87 -38.37
C ASN A 724 -21.82 3.18 -37.78
N GLY A 725 -20.80 2.55 -38.35
CA GLY A 725 -19.43 2.77 -37.98
C GLY A 725 -18.54 2.65 -39.20
N THR A 726 -17.24 2.90 -39.06
CA THR A 726 -16.33 2.78 -40.18
C THR A 726 -14.92 2.52 -39.66
N MSE A 727 -14.39 1.34 -39.94
CA MSE A 727 -13.08 0.90 -39.47
C MSE A 727 -11.83 1.47 -40.06
O MSE A 727 -11.77 1.99 -41.18
CB MSE A 727 -12.95 -0.60 -39.62
CG MSE A 727 -13.61 -1.20 -38.41
SE MSE A 727 -12.18 -2.16 -37.50
CE MSE A 727 -13.10 -2.47 -35.80
N LYS A 728 -10.77 1.28 -39.29
CA LYS A 728 -9.45 1.83 -39.55
C LYS A 728 -9.22 1.93 -41.06
N ASP A 729 -8.87 3.14 -41.53
CA ASP A 729 -8.48 3.36 -42.92
C ASP A 729 -7.13 2.65 -43.19
N ASN A 730 -7.20 1.39 -43.65
CA ASN A 730 -6.03 0.57 -44.02
C ASN A 730 -5.67 0.82 -45.48
N ARG A 731 -5.19 2.04 -45.76
CA ARG A 731 -4.79 2.56 -47.09
C ARG A 731 -6.04 3.03 -47.87
N GLY A 732 -7.00 3.65 -47.16
CA GLY A 732 -8.17 4.31 -47.75
C GLY A 732 -9.23 3.33 -48.22
N ASN A 733 -9.71 2.47 -47.31
CA ASN A 733 -10.70 1.40 -47.62
C ASN A 733 -12.10 1.81 -47.15
N ASN A 734 -12.21 2.38 -45.94
CA ASN A 734 -13.49 2.86 -45.37
C ASN A 734 -14.53 1.72 -45.38
N ILE A 735 -14.29 0.66 -44.59
CA ILE A 735 -15.18 -0.51 -44.59
C ILE A 735 -16.34 -0.22 -43.63
N GLN A 736 -17.53 -0.74 -43.97
CA GLN A 736 -18.72 -0.63 -43.13
C GLN A 736 -18.48 -1.44 -41.84
N ILE A 737 -19.16 -1.02 -40.77
CA ILE A 737 -19.07 -1.66 -39.46
C ILE A 737 -20.45 -1.63 -38.80
N ASP A 738 -21.05 -2.82 -38.67
CA ASP A 738 -22.27 -3.01 -37.94
C ASP A 738 -21.91 -3.44 -36.50
N PHE A 739 -22.49 -2.72 -35.53
CA PHE A 739 -22.29 -3.02 -34.13
C PHE A 739 -23.20 -4.17 -33.70
N MSE A 740 -24.31 -4.38 -34.42
CA MSE A 740 -25.26 -5.43 -34.08
C MSE A 740 -24.69 -6.84 -34.23
O MSE A 740 -25.13 -7.75 -33.56
CB MSE A 740 -26.54 -5.39 -34.91
CG MSE A 740 -27.74 -5.20 -33.98
SE MSE A 740 -27.57 -3.52 -32.96
CE MSE A 740 -26.89 -2.28 -34.32
N LYS A 741 -23.70 -6.99 -35.12
CA LYS A 741 -22.97 -8.25 -35.24
C LYS A 741 -22.25 -8.49 -33.90
N ASP A 742 -21.65 -7.42 -33.34
CA ASP A 742 -20.96 -7.43 -32.03
C ASP A 742 -21.98 -7.56 -30.88
N PHE A 743 -23.08 -6.81 -30.96
CA PHE A 743 -24.11 -6.80 -29.93
C PHE A 743 -24.72 -8.18 -29.72
N GLU A 744 -25.03 -8.89 -30.82
CA GLU A 744 -25.70 -10.19 -30.77
C GLU A 744 -24.70 -11.24 -30.21
N ALA A 745 -23.40 -11.02 -30.43
CA ALA A 745 -22.37 -11.93 -29.89
C ALA A 745 -22.41 -12.02 -28.35
N ILE A 746 -23.00 -11.01 -27.68
CA ILE A 746 -22.99 -10.87 -26.20
C ILE A 746 -24.40 -11.07 -25.62
N ALA A 747 -25.42 -11.12 -26.49
CA ALA A 747 -26.85 -11.04 -26.10
C ALA A 747 -27.46 -12.43 -25.84
N ASP A 748 -26.64 -13.49 -25.90
CA ASP A 748 -27.05 -14.85 -25.57
C ASP A 748 -27.71 -14.92 -24.18
N ASP A 749 -28.56 -15.93 -23.99
CA ASP A 749 -29.21 -16.22 -22.72
C ASP A 749 -28.21 -16.79 -21.71
N GLU A 750 -27.10 -17.37 -22.17
CA GLU A 750 -26.09 -17.99 -21.29
C GLU A 750 -25.05 -16.97 -20.77
N THR A 751 -24.95 -15.78 -21.38
CA THR A 751 -23.93 -14.80 -20.96
C THR A 751 -24.42 -14.08 -19.69
N SER A 752 -23.47 -13.62 -18.88
CA SER A 752 -23.77 -13.05 -17.59
C SER A 752 -24.13 -11.57 -17.75
N LEU A 753 -24.88 -11.03 -16.78
CA LEU A 753 -25.29 -9.60 -16.84
C LEU A 753 -24.03 -8.72 -16.91
N TYR A 754 -23.06 -8.95 -16.03
CA TYR A 754 -21.92 -8.05 -15.86
C TYR A 754 -21.05 -8.09 -17.11
N TYR A 755 -20.88 -9.28 -17.71
CA TYR A 755 -20.18 -9.41 -19.00
C TYR A 755 -20.92 -8.59 -20.05
N PHE A 756 -22.25 -8.73 -20.10
CA PHE A 756 -23.05 -8.05 -21.13
C PHE A 756 -22.91 -6.53 -20.95
N ASN A 757 -23.13 -6.04 -19.72
CA ASN A 757 -23.10 -4.62 -19.42
C ASN A 757 -21.72 -4.05 -19.78
N MSE A 758 -20.66 -4.75 -19.40
CA MSE A 758 -19.29 -4.30 -19.62
C MSE A 758 -19.05 -4.14 -21.11
O MSE A 758 -18.63 -3.06 -21.57
CB MSE A 758 -18.34 -5.35 -19.08
CG MSE A 758 -16.87 -4.94 -19.15
SE MSE A 758 -15.97 -5.24 -20.88
CE MSE A 758 -15.16 -6.91 -20.25
N LYS A 759 -19.32 -5.22 -21.86
CA LYS A 759 -19.03 -5.25 -23.28
C LYS A 759 -19.92 -4.23 -24.00
N TYR A 760 -21.11 -3.98 -23.45
CA TYR A 760 -22.02 -3.02 -24.07
C TYR A 760 -21.46 -1.60 -23.92
N CYS A 761 -20.89 -1.30 -22.76
CA CYS A 761 -20.21 -0.03 -22.56
C CYS A 761 -19.19 0.22 -23.68
N LYS A 762 -18.40 -0.83 -24.00
CA LYS A 762 -17.35 -0.77 -25.04
C LYS A 762 -17.96 -0.54 -26.43
N LEU A 763 -19.16 -1.11 -26.69
CA LEU A 763 -19.84 -0.95 -27.98
C LEU A 763 -20.39 0.47 -28.12
N LEU A 764 -20.99 0.97 -27.05
CA LEU A 764 -21.55 2.30 -27.01
C LEU A 764 -20.41 3.32 -27.16
N GLN A 765 -19.25 2.98 -26.60
CA GLN A 765 -18.11 3.82 -26.70
C GLN A 765 -17.81 4.02 -28.19
N SER A 766 -17.54 2.90 -28.87
CA SER A 766 -17.20 2.83 -30.29
C SER A 766 -18.27 3.52 -31.14
N SER A 767 -19.53 3.28 -30.81
CA SER A 767 -20.62 3.94 -31.53
C SER A 767 -20.41 5.45 -31.43
N ILE A 768 -20.18 5.95 -30.21
CA ILE A 768 -20.01 7.39 -29.98
C ILE A 768 -18.88 7.92 -30.87
N ARG A 769 -17.81 7.15 -31.04
CA ARG A 769 -16.63 7.60 -31.78
C ARG A 769 -17.00 7.73 -33.27
N ASN A 770 -18.02 7.00 -33.72
CA ASN A 770 -18.47 7.02 -35.12
C ASN A 770 -19.60 8.05 -35.34
N HIS A 771 -20.09 8.66 -34.26
CA HIS A 771 -21.13 9.70 -34.32
C HIS A 771 -20.72 10.86 -33.40
N SER A 772 -19.57 11.47 -33.66
CA SER A 772 -18.95 12.39 -32.70
C SER A 772 -19.79 13.68 -32.51
N SER A 773 -20.52 14.09 -33.55
CA SER A 773 -21.34 15.31 -33.49
C SER A 773 -22.71 15.05 -32.84
N GLN A 774 -23.04 13.76 -32.65
CA GLN A 774 -24.33 13.30 -32.11
C GLN A 774 -24.15 12.76 -30.68
N ALA A 775 -23.16 13.25 -29.94
CA ALA A 775 -22.80 12.69 -28.64
C ALA A 775 -23.98 12.77 -27.68
N LYS A 776 -24.49 14.00 -27.54
CA LYS A 776 -25.54 14.35 -26.60
C LYS A 776 -26.67 13.32 -26.60
N GLU A 777 -26.89 12.66 -27.75
CA GLU A 777 -28.05 11.75 -27.94
C GLU A 777 -27.90 10.44 -27.15
N TYR A 778 -26.68 10.12 -26.70
CA TYR A 778 -26.44 8.87 -25.98
C TYR A 778 -26.77 9.07 -24.49
N ARG A 779 -26.95 10.34 -24.10
CA ARG A 779 -27.05 10.77 -22.71
C ARG A 779 -27.96 9.83 -21.92
N GLU A 780 -29.22 9.73 -22.35
CA GLU A 780 -30.27 9.11 -21.56
C GLU A 780 -30.00 7.61 -21.45
N GLU A 781 -29.49 6.99 -22.52
CA GLU A 781 -29.27 5.55 -22.49
C GLU A 781 -28.01 5.24 -21.66
N ILE A 782 -27.09 6.21 -21.53
CA ILE A 782 -25.96 6.06 -20.62
C ILE A 782 -26.53 6.03 -19.19
N PHE A 783 -27.47 6.94 -18.90
CA PHE A 783 -28.12 7.02 -17.59
C PHE A 783 -28.80 5.68 -17.26
N GLU A 784 -29.47 5.12 -18.26
CA GLU A 784 -30.25 3.92 -18.06
C GLU A 784 -29.28 2.78 -17.69
N LEU A 785 -28.19 2.68 -18.44
CA LEU A 785 -27.20 1.59 -18.32
C LEU A 785 -26.50 1.60 -16.95
N LEU A 786 -26.09 2.79 -16.52
CA LEU A 786 -25.17 2.97 -15.40
C LEU A 786 -25.92 3.32 -14.09
N ARG A 787 -26.95 4.17 -14.17
CA ARG A 787 -27.55 4.83 -12.98
C ARG A 787 -28.95 4.28 -12.64
N ASP A 788 -29.85 4.21 -13.62
CA ASP A 788 -31.31 4.13 -13.36
C ASP A 788 -31.85 2.71 -13.53
N GLY A 789 -31.42 2.03 -14.60
CA GLY A 789 -31.93 0.71 -14.88
C GLY A 789 -31.91 -0.15 -13.64
N LYS A 790 -32.84 -1.11 -13.56
CA LYS A 790 -32.87 -2.06 -12.45
C LYS A 790 -31.63 -2.98 -12.55
N LEU A 791 -31.07 -3.11 -13.76
CA LEU A 791 -29.90 -3.98 -13.98
C LEU A 791 -28.67 -3.15 -14.36
N SER A 792 -28.69 -1.87 -13.99
CA SER A 792 -27.63 -0.95 -14.29
C SER A 792 -26.44 -1.21 -13.37
N VAL A 793 -25.29 -0.59 -13.72
CA VAL A 793 -23.96 -0.85 -13.14
C VAL A 793 -23.98 -0.50 -11.64
N LEU A 794 -24.62 0.63 -11.32
CA LEU A 794 -24.71 1.18 -9.95
C LEU A 794 -25.59 0.31 -9.02
N LYS A 795 -26.48 -0.51 -9.58
CA LYS A 795 -27.49 -1.23 -8.78
C LYS A 795 -27.07 -2.70 -8.59
N LEU A 796 -26.37 -3.27 -9.57
CA LEU A 796 -25.97 -4.67 -9.50
C LEU A 796 -24.51 -4.78 -9.96
N SER A 797 -23.68 -5.42 -9.12
CA SER A 797 -22.26 -5.64 -9.39
C SER A 797 -21.70 -6.40 -8.19
N SER A 798 -20.88 -7.42 -8.44
CA SER A 798 -20.17 -8.15 -7.39
C SER A 798 -18.79 -7.50 -7.15
N LEU A 799 -17.95 -8.17 -6.34
CA LEU A 799 -16.56 -7.82 -6.11
C LEU A 799 -15.66 -8.65 -7.04
N SER A 800 -16.24 -9.27 -8.07
CA SER A 800 -15.50 -10.08 -8.99
C SER A 800 -14.66 -9.14 -9.87
N ASN A 801 -13.66 -9.72 -10.53
CA ASN A 801 -12.78 -8.93 -11.38
C ASN A 801 -13.58 -8.21 -12.46
N LEU A 802 -14.45 -8.98 -13.12
CA LEU A 802 -15.29 -8.48 -14.22
C LEU A 802 -16.11 -7.27 -13.75
N SER A 803 -16.57 -7.31 -12.50
CA SER A 803 -17.35 -6.22 -11.96
C SER A 803 -16.49 -4.98 -11.88
N PHE A 804 -15.20 -5.15 -11.54
CA PHE A 804 -14.32 -3.96 -11.45
C PHE A 804 -13.99 -3.45 -12.84
N VAL A 805 -13.90 -4.38 -13.81
CA VAL A 805 -13.69 -3.99 -15.18
C VAL A 805 -14.94 -3.27 -15.69
N MSE A 806 -16.12 -3.61 -15.16
CA MSE A 806 -17.34 -2.89 -15.51
C MSE A 806 -17.29 -1.41 -15.18
O MSE A 806 -17.64 -0.57 -16.02
CB MSE A 806 -18.58 -3.44 -14.78
CG MSE A 806 -19.92 -2.95 -15.34
SE MSE A 806 -21.28 -4.36 -14.99
CE MSE A 806 -21.21 -4.51 -13.03
N PHE A 807 -16.92 -1.08 -13.95
CA PHE A 807 -16.81 0.30 -13.50
C PHE A 807 -15.76 1.06 -14.31
N LYS A 808 -14.70 0.36 -14.72
CA LYS A 808 -13.62 0.95 -15.49
C LYS A 808 -14.11 1.36 -16.88
N VAL A 809 -14.80 0.43 -17.56
CA VAL A 809 -15.26 0.72 -18.93
C VAL A 809 -16.38 1.79 -18.86
N ALA A 810 -17.21 1.74 -17.81
CA ALA A 810 -18.25 2.79 -17.61
C ALA A 810 -17.56 4.15 -17.48
N LYS A 811 -16.50 4.21 -16.67
CA LYS A 811 -15.71 5.42 -16.51
C LYS A 811 -15.32 5.90 -17.91
N SER A 812 -14.71 5.02 -18.70
CA SER A 812 -14.18 5.29 -20.06
C SER A 812 -15.28 5.78 -21.03
N LEU A 813 -16.49 5.23 -20.87
CA LEU A 813 -17.60 5.60 -21.71
C LEU A 813 -17.98 7.05 -21.40
N ILE A 814 -18.10 7.36 -20.11
CA ILE A 814 -18.44 8.73 -19.72
C ILE A 814 -17.39 9.69 -20.30
N GLY A 815 -16.13 9.26 -20.26
CA GLY A 815 -15.00 10.01 -20.78
C GLY A 815 -15.11 10.26 -22.26
N THR A 816 -15.39 9.19 -23.02
CA THR A 816 -15.69 9.26 -24.46
C THR A 816 -16.82 10.29 -24.70
N TYR A 817 -17.91 10.17 -23.93
CA TYR A 817 -19.05 11.05 -24.06
C TYR A 817 -18.60 12.51 -23.99
N PHE A 818 -18.01 12.90 -22.85
CA PHE A 818 -17.65 14.28 -22.62
C PHE A 818 -16.69 14.77 -23.71
N GLY A 819 -15.77 13.90 -24.11
CA GLY A 819 -14.69 14.21 -25.03
C GLY A 819 -15.21 14.60 -26.41
N HIS A 820 -16.28 13.91 -26.85
CA HIS A 820 -16.92 14.12 -28.14
C HIS A 820 -17.97 15.26 -28.06
N LEU A 821 -18.68 15.39 -26.94
CA LEU A 821 -19.68 16.44 -26.75
C LEU A 821 -19.03 17.83 -26.86
N LEU A 822 -17.81 17.95 -26.33
CA LEU A 822 -17.20 19.26 -26.15
C LEU A 822 -16.06 19.48 -27.15
N LYS A 823 -15.85 18.51 -28.05
CA LYS A 823 -14.92 18.62 -29.18
C LYS A 823 -15.31 19.84 -30.01
N LYS A 824 -14.32 20.70 -30.31
CA LYS A 824 -14.56 21.96 -31.00
C LYS A 824 -14.73 21.71 -32.50
N PRO A 825 -15.58 22.49 -33.21
CA PRO A 825 -15.79 22.29 -34.64
C PRO A 825 -14.47 22.21 -35.43
N LYS A 826 -13.66 23.27 -35.35
CA LYS A 826 -12.33 23.40 -36.01
C LYS A 826 -12.21 22.40 -37.17
N ALA A 834 -11.93 27.99 -25.56
CA ALA A 834 -10.95 27.81 -26.63
C ALA A 834 -9.72 27.04 -26.13
N PRO A 835 -9.43 27.00 -24.79
CA PRO A 835 -8.36 26.14 -24.28
C PRO A 835 -8.81 24.69 -24.18
N PRO A 836 -7.99 23.77 -23.60
CA PRO A 836 -8.45 22.41 -23.32
C PRO A 836 -9.68 22.36 -22.40
N ILE A 837 -10.42 21.26 -22.48
CA ILE A 837 -11.64 21.04 -21.74
C ILE A 837 -11.29 20.52 -20.34
N THR A 838 -11.77 21.21 -19.29
CA THR A 838 -11.50 20.91 -17.85
C THR A 838 -12.72 20.25 -17.20
N ASP A 839 -12.58 19.83 -15.93
CA ASP A 839 -13.69 19.24 -15.14
C ASP A 839 -14.74 20.33 -14.83
N GLU A 840 -14.30 21.57 -14.65
CA GLU A 840 -15.20 22.76 -14.54
C GLU A 840 -16.11 22.82 -15.77
N ASP A 841 -15.51 22.70 -16.95
CA ASP A 841 -16.24 22.78 -18.22
C ASP A 841 -17.23 21.60 -18.32
N LYS A 842 -16.79 20.38 -17.98
CA LYS A 842 -17.62 19.15 -18.15
C LYS A 842 -18.84 19.20 -17.22
N GLN A 843 -18.64 19.58 -15.99
CA GLN A 843 -19.67 19.69 -15.01
C GLN A 843 -20.72 20.72 -15.39
N LYS A 844 -20.32 21.75 -16.10
CA LYS A 844 -21.25 22.77 -16.49
C LYS A 844 -22.04 22.37 -17.69
N ALA A 845 -21.51 21.49 -18.49
CA ALA A 845 -22.17 21.09 -19.68
C ALA A 845 -23.18 20.02 -19.50
N ASP A 846 -23.06 19.29 -18.39
CA ASP A 846 -23.94 18.19 -18.01
C ASP A 846 -23.68 17.73 -16.60
N PRO A 847 -24.25 18.40 -15.63
CA PRO A 847 -24.09 18.07 -14.22
C PRO A 847 -24.44 16.66 -13.85
N GLU A 848 -25.53 16.16 -14.39
CA GLU A 848 -26.00 14.83 -14.09
C GLU A 848 -24.95 13.80 -14.49
N MSE A 849 -24.37 13.97 -15.68
CA MSE A 849 -23.40 13.00 -16.17
C MSE A 849 -22.08 13.06 -15.41
O MSE A 849 -21.48 12.04 -15.11
CB MSE A 849 -23.23 13.11 -17.68
CG MSE A 849 -22.17 12.16 -18.24
SE MSE A 849 -22.92 10.51 -18.96
CE MSE A 849 -23.66 9.91 -17.26
N PHE A 850 -21.66 14.29 -15.10
CA PHE A 850 -20.49 14.53 -14.29
C PHE A 850 -20.70 13.90 -12.90
N ALA A 851 -21.83 14.21 -12.26
CA ALA A 851 -22.19 13.61 -10.97
C ALA A 851 -22.17 12.08 -11.06
N LEU A 852 -22.59 11.53 -12.20
CA LEU A 852 -22.58 10.08 -12.40
C LEU A 852 -21.13 9.58 -12.39
N ARG A 853 -20.21 10.30 -13.04
CA ARG A 853 -18.77 9.91 -13.03
C ARG A 853 -18.32 9.81 -11.58
N LEU A 854 -18.71 10.80 -10.78
CA LEU A 854 -18.27 10.89 -9.39
C LEU A 854 -18.89 9.75 -8.58
N ALA A 855 -20.16 9.41 -8.79
CA ALA A 855 -20.84 8.36 -8.00
C ALA A 855 -20.28 6.99 -8.35
N LEU A 856 -19.89 6.81 -9.61
CA LEU A 856 -19.20 5.61 -10.07
C LEU A 856 -17.84 5.49 -9.37
N GLU A 857 -17.07 6.60 -9.32
CA GLU A 857 -15.77 6.66 -8.63
C GLU A 857 -15.92 6.22 -7.18
N GLU A 858 -16.89 6.82 -6.48
CA GLU A 858 -17.04 6.62 -5.07
C GLU A 858 -17.54 5.20 -4.81
N LYS A 859 -18.44 4.72 -5.67
CA LYS A 859 -18.97 3.36 -5.53
C LYS A 859 -17.81 2.36 -5.73
N ARG A 860 -16.94 2.62 -6.72
CA ARG A 860 -15.79 1.71 -6.97
C ARG A 860 -14.82 1.67 -5.77
N LEU A 861 -14.41 2.83 -5.25
CA LEU A 861 -13.51 2.88 -4.06
C LEU A 861 -14.05 2.01 -2.91
N ASN A 862 -15.35 2.10 -2.65
CA ASN A 862 -15.98 1.43 -1.52
C ASN A 862 -15.98 -0.07 -1.78
N LYS A 863 -16.14 -0.43 -3.06
CA LYS A 863 -16.12 -1.85 -3.44
C LYS A 863 -14.70 -2.37 -3.23
N VAL A 864 -13.70 -1.57 -3.64
CA VAL A 864 -12.31 -1.95 -3.43
C VAL A 864 -12.04 -2.16 -1.96
N LYS A 865 -12.41 -1.17 -1.13
CA LYS A 865 -12.20 -1.24 0.31
C LYS A 865 -12.86 -2.51 0.88
N SER A 866 -14.10 -2.77 0.48
CA SER A 866 -14.80 -3.93 1.01
C SER A 866 -14.04 -5.23 0.68
N LYS A 867 -13.67 -5.35 -0.60
CA LYS A 867 -12.87 -6.49 -1.03
C LYS A 867 -11.66 -6.71 -0.09
N LYS A 868 -10.80 -5.70 0.03
CA LYS A 868 -9.61 -5.84 0.91
C LYS A 868 -10.01 -6.39 2.29
N GLU A 869 -11.05 -5.79 2.88
CA GLU A 869 -11.52 -6.13 4.22
C GLU A 869 -12.05 -7.58 4.25
N VAL A 870 -12.87 -7.98 3.26
CA VAL A 870 -13.53 -9.32 3.34
C VAL A 870 -12.51 -10.43 3.07
N ILE A 871 -11.58 -10.21 2.11
CA ILE A 871 -10.57 -11.20 1.80
C ILE A 871 -9.68 -11.38 3.03
N ALA A 872 -9.31 -10.25 3.65
CA ALA A 872 -8.39 -10.27 4.77
C ALA A 872 -9.00 -11.05 5.93
N ASN A 873 -10.29 -10.84 6.14
CA ASN A 873 -11.06 -11.50 7.18
C ASN A 873 -11.00 -13.01 6.99
N LYS A 874 -11.18 -13.49 5.76
CA LYS A 874 -11.16 -14.95 5.55
C LYS A 874 -9.77 -15.49 5.92
N ILE A 875 -8.70 -14.76 5.56
CA ILE A 875 -7.36 -15.27 5.76
C ILE A 875 -7.09 -15.36 7.26
N VAL A 876 -7.42 -14.29 7.97
CA VAL A 876 -7.19 -14.21 9.41
C VAL A 876 -8.07 -15.23 10.16
N ALA A 877 -9.33 -15.40 9.74
CA ALA A 877 -10.29 -16.37 10.33
C ALA A 877 -9.75 -17.80 10.19
N LYS A 878 -9.18 -18.11 9.02
CA LYS A 878 -8.70 -19.43 8.76
C LYS A 878 -7.52 -19.66 9.69
N ALA A 879 -6.66 -18.63 9.81
CA ALA A 879 -5.43 -18.71 10.56
C ALA A 879 -5.74 -18.89 12.05
N LEU A 880 -6.77 -18.20 12.53
CA LEU A 880 -7.17 -18.27 13.92
C LEU A 880 -7.68 -19.66 14.23
N GLU A 881 -8.50 -20.19 13.31
CA GLU A 881 -9.08 -21.53 13.42
C GLU A 881 -7.92 -22.54 13.57
N LEU A 882 -6.92 -22.43 12.68
CA LEU A 882 -5.74 -23.29 12.73
C LEU A 882 -4.96 -23.09 14.03
N ARG A 883 -4.91 -21.85 14.54
CA ARG A 883 -4.15 -21.57 15.74
C ARG A 883 -4.80 -22.31 16.93
N ASP A 884 -6.13 -22.30 16.97
CA ASP A 884 -6.87 -22.87 18.07
C ASP A 884 -6.67 -24.40 18.12
N LYS A 885 -6.48 -25.06 16.96
CA LYS A 885 -6.27 -26.51 16.97
C LYS A 885 -4.79 -26.84 17.19
N TYR A 886 -3.87 -26.08 16.59
CA TYR A 886 -2.45 -26.50 16.50
C TYR A 886 -1.51 -25.68 17.40
N GLY A 887 -1.83 -24.41 17.69
CA GLY A 887 -0.86 -23.47 18.24
C GLY A 887 -0.46 -22.40 17.21
N PRO A 888 0.61 -21.62 17.47
CA PRO A 888 0.92 -20.44 16.65
C PRO A 888 1.05 -20.64 15.12
N VAL A 889 0.49 -19.70 14.36
CA VAL A 889 0.51 -19.76 12.87
C VAL A 889 1.39 -18.64 12.30
N LEU A 890 2.24 -19.00 11.33
CA LEU A 890 2.93 -18.05 10.48
C LEU A 890 2.20 -17.99 9.14
N ILE A 891 1.59 -16.84 8.83
CA ILE A 891 0.92 -16.65 7.58
C ILE A 891 1.96 -16.12 6.61
N LYS A 892 2.00 -16.71 5.42
CA LYS A 892 2.98 -16.35 4.43
C LYS A 892 2.24 -15.96 3.17
N GLY A 893 2.47 -14.72 2.70
CA GLY A 893 1.93 -14.24 1.46
C GLY A 893 3.06 -14.02 0.47
N GLU A 894 2.70 -13.69 -0.77
CA GLU A 894 3.60 -13.40 -1.83
C GLU A 894 4.04 -11.92 -1.79
N ASN A 895 5.34 -11.72 -1.84
CA ASN A 895 5.96 -10.42 -2.00
C ASN A 895 5.81 -9.99 -3.46
N ILE A 896 4.81 -9.14 -3.69
CA ILE A 896 4.47 -8.62 -4.97
C ILE A 896 4.90 -7.15 -5.06
N SER A 897 5.65 -6.80 -6.11
CA SER A 897 6.01 -5.40 -6.33
C SER A 897 6.29 -5.16 -7.82
N ASP A 898 6.25 -3.88 -8.20
CA ASP A 898 6.76 -3.44 -9.50
C ASP A 898 6.02 -4.18 -10.61
N THR A 899 4.70 -4.06 -10.61
CA THR A 899 3.86 -4.89 -11.45
C THR A 899 3.68 -4.18 -12.79
N THR A 900 3.34 -2.89 -12.72
CA THR A 900 2.96 -2.02 -13.86
C THR A 900 4.18 -1.26 -14.39
N LYS A 901 4.55 -1.50 -15.65
CA LYS A 901 5.81 -0.99 -16.21
C LYS A 901 5.54 -0.41 -17.61
N LYS A 902 6.21 0.68 -17.99
CA LYS A 902 5.96 1.34 -19.29
C LYS A 902 6.26 0.37 -20.45
N GLY A 903 7.17 -0.58 -20.22
CA GLY A 903 7.58 -1.58 -21.18
C GLY A 903 6.50 -2.62 -21.51
N LYS A 904 5.43 -2.69 -20.70
CA LYS A 904 4.30 -3.57 -21.00
C LYS A 904 3.20 -2.78 -21.73
N LYS A 905 2.45 -3.50 -22.55
CA LYS A 905 1.26 -3.00 -23.20
C LYS A 905 0.34 -2.47 -22.10
N SER A 906 -0.39 -1.41 -22.42
CA SER A 906 -1.18 -0.71 -21.46
C SER A 906 -2.42 -1.53 -21.08
N SER A 907 -2.86 -2.42 -21.96
CA SER A 907 -3.89 -3.41 -21.63
C SER A 907 -3.43 -4.36 -20.50
N THR A 908 -2.14 -4.73 -20.50
CA THR A 908 -1.56 -5.61 -19.45
C THR A 908 -1.45 -4.85 -18.12
N ASN A 909 -1.02 -3.58 -18.22
CA ASN A 909 -0.92 -2.76 -17.07
C ASN A 909 -2.31 -2.54 -16.47
N SER A 910 -3.31 -2.28 -17.33
CA SER A 910 -4.71 -2.07 -16.88
C SER A 910 -5.26 -3.32 -16.19
N PHE A 911 -4.94 -4.49 -16.73
CA PHE A 911 -5.35 -5.80 -16.14
C PHE A 911 -4.67 -5.99 -14.78
N LEU A 912 -3.37 -5.71 -14.69
CA LEU A 912 -2.60 -5.90 -13.43
C LEU A 912 -3.00 -4.88 -12.36
N MSE A 913 -3.39 -3.67 -12.74
CA MSE A 913 -3.85 -2.68 -11.77
C MSE A 913 -4.88 -3.16 -10.73
O MSE A 913 -4.86 -2.70 -9.59
CB MSE A 913 -4.51 -1.46 -12.48
CG MSE A 913 -3.62 -0.24 -12.44
SE MSE A 913 -3.86 0.75 -14.10
CE MSE A 913 -5.78 0.93 -13.76
N ASP A 914 -5.80 -4.05 -11.12
CA ASP A 914 -6.86 -4.51 -10.22
C ASP A 914 -6.41 -5.70 -9.38
N TRP A 915 -5.09 -5.94 -9.28
CA TRP A 915 -4.62 -7.16 -8.61
C TRP A 915 -4.92 -7.12 -7.10
N LEU A 916 -4.71 -5.97 -6.46
CA LEU A 916 -4.97 -5.72 -5.01
C LEU A 916 -4.25 -6.71 -4.08
N ALA A 917 -3.20 -7.36 -4.53
CA ALA A 917 -2.44 -8.22 -3.64
C ALA A 917 -1.77 -7.43 -2.50
N ARG A 918 -1.32 -6.22 -2.83
CA ARG A 918 -0.62 -5.41 -1.88
C ARG A 918 -1.63 -4.91 -0.85
N GLY A 919 -2.72 -4.30 -1.31
CA GLY A 919 -3.76 -3.81 -0.40
C GLY A 919 -4.32 -4.91 0.50
N VAL A 920 -4.56 -6.10 -0.03
CA VAL A 920 -5.06 -7.21 0.82
C VAL A 920 -4.00 -7.55 1.86
N ALA A 921 -2.75 -7.67 1.42
CA ALA A 921 -1.66 -8.08 2.29
C ALA A 921 -1.42 -7.04 3.41
N ASN A 922 -1.49 -5.75 3.07
CA ASN A 922 -1.32 -4.68 4.10
C ASN A 922 -2.43 -4.76 5.17
N LYS A 923 -3.67 -5.02 4.76
CA LYS A 923 -4.78 -5.28 5.72
C LYS A 923 -4.54 -6.54 6.57
N VAL A 924 -3.95 -7.60 6.02
CA VAL A 924 -3.69 -8.77 6.84
C VAL A 924 -2.65 -8.39 7.89
N LYS A 925 -1.65 -7.64 7.44
CA LYS A 925 -0.61 -7.12 8.30
C LYS A 925 -1.27 -6.47 9.53
N GLU A 926 -2.17 -5.52 9.31
CA GLU A 926 -2.69 -4.75 10.45
C GLU A 926 -3.51 -5.64 11.35
N MSE A 927 -4.38 -6.45 10.74
CA MSE A 927 -5.28 -7.31 11.49
C MSE A 927 -4.48 -8.31 12.34
O MSE A 927 -4.80 -8.52 13.50
CB MSE A 927 -6.26 -8.06 10.56
CG MSE A 927 -7.25 -7.08 9.97
SE MSE A 927 -8.58 -7.95 8.83
CE MSE A 927 -9.35 -9.03 10.30
N VAL A 928 -3.41 -8.88 11.78
CA VAL A 928 -2.59 -9.83 12.51
C VAL A 928 -2.04 -9.17 13.78
N MSE A 929 -1.74 -7.88 13.74
CA MSE A 929 -1.15 -7.23 14.92
C MSE A 929 -2.05 -7.23 16.16
O MSE A 929 -1.62 -6.84 17.24
CB MSE A 929 -0.71 -5.83 14.53
CG MSE A 929 0.55 -5.78 13.67
SE MSE A 929 0.71 -3.86 13.20
CE MSE A 929 2.37 -3.79 12.14
N MSE A 930 -3.29 -7.70 16.04
CA MSE A 930 -4.21 -7.71 17.18
C MSE A 930 -4.45 -9.07 17.82
O MSE A 930 -5.28 -9.17 18.73
CB MSE A 930 -5.54 -7.28 16.64
CG MSE A 930 -5.30 -6.08 15.74
SE MSE A 930 -6.41 -4.61 16.36
CE MSE A 930 -8.05 -5.20 15.45
N HIS A 931 -3.73 -10.09 17.36
CA HIS A 931 -3.98 -11.45 17.81
C HIS A 931 -2.69 -12.15 18.25
N GLN A 932 -2.69 -12.63 19.49
CA GLN A 932 -1.68 -13.56 19.96
C GLN A 932 -1.69 -14.77 19.03
N GLY A 933 -0.50 -15.12 18.55
CA GLY A 933 -0.24 -16.41 17.96
C GLY A 933 -0.36 -16.41 16.45
N LEU A 934 -0.23 -15.21 15.87
CA LEU A 934 -0.28 -14.99 14.43
C LEU A 934 0.91 -14.08 14.10
N GLU A 935 1.55 -14.36 12.96
CA GLU A 935 2.58 -13.54 12.43
C GLU A 935 2.41 -13.56 10.91
N PHE A 936 2.86 -12.49 10.24
CA PHE A 936 2.73 -12.34 8.82
C PHE A 936 4.08 -11.91 8.25
N VAL A 937 4.55 -12.66 7.25
CA VAL A 937 5.70 -12.35 6.45
C VAL A 937 5.31 -12.55 4.98
N GLU A 938 6.07 -11.90 4.11
CA GLU A 938 5.91 -12.08 2.70
C GLU A 938 7.17 -12.76 2.18
N VAL A 939 7.01 -13.63 1.18
CA VAL A 939 8.09 -14.42 0.71
C VAL A 939 8.19 -14.23 -0.79
N ASN A 940 9.37 -14.55 -1.31
CA ASN A 940 9.66 -14.54 -2.74
C ASN A 940 8.75 -15.52 -3.48
N PRO A 941 7.94 -15.04 -4.45
CA PRO A 941 6.99 -15.88 -5.15
C PRO A 941 7.51 -16.64 -6.39
N ASN A 942 8.77 -16.42 -6.74
CA ASN A 942 9.44 -17.01 -7.87
C ASN A 942 9.18 -18.54 -7.96
N PHE A 943 8.69 -19.00 -9.11
CA PHE A 943 8.49 -20.45 -9.42
C PHE A 943 7.38 -21.10 -8.58
N THR A 944 6.55 -20.27 -7.97
CA THR A 944 5.58 -20.67 -6.96
C THR A 944 4.43 -21.43 -7.62
N SER A 945 4.24 -21.16 -8.91
CA SER A 945 3.15 -21.67 -9.70
C SER A 945 3.61 -22.94 -10.45
N HIS A 946 4.89 -23.34 -10.33
CA HIS A 946 5.43 -24.43 -11.14
C HIS A 946 6.13 -25.50 -10.30
N GLN A 947 6.30 -25.26 -8.99
CA GLN A 947 7.02 -26.18 -8.12
C GLN A 947 6.08 -27.33 -7.78
N ASP A 948 6.60 -28.56 -7.74
CA ASP A 948 5.89 -29.76 -7.22
C ASP A 948 6.01 -29.80 -5.71
N PRO A 949 5.02 -29.30 -4.94
CA PRO A 949 5.22 -29.14 -3.52
C PRO A 949 5.52 -30.45 -2.77
N PHE A 950 6.46 -30.35 -1.82
CA PHE A 950 6.89 -31.40 -0.92
C PHE A 950 7.81 -32.40 -1.63
N VAL A 951 8.01 -32.19 -2.94
CA VAL A 951 8.96 -32.93 -3.73
C VAL A 951 10.10 -31.96 -4.13
N HIS A 952 9.72 -30.79 -4.63
CA HIS A 952 10.64 -29.70 -4.96
C HIS A 952 11.57 -29.42 -3.77
N LYS A 953 12.88 -29.38 -4.01
CA LYS A 953 13.95 -29.13 -2.97
C LYS A 953 13.99 -30.19 -1.86
N ASN A 954 13.50 -31.40 -2.12
CA ASN A 954 13.47 -32.45 -1.10
C ASN A 954 13.81 -33.79 -1.74
N PRO A 955 15.01 -33.97 -2.36
CA PRO A 955 16.02 -32.90 -2.48
C PRO A 955 16.23 -32.22 -3.84
N GLU A 956 15.67 -32.77 -4.92
CA GLU A 956 15.92 -32.29 -6.26
C GLU A 956 14.94 -31.16 -6.57
N ASN A 957 15.39 -30.23 -7.41
CA ASN A 957 14.55 -29.25 -8.10
C ASN A 957 13.50 -30.02 -8.89
N THR A 958 12.22 -29.71 -8.68
CA THR A 958 11.15 -30.38 -9.40
C THR A 958 10.09 -29.36 -9.79
N PHE A 959 10.07 -29.03 -11.09
CA PHE A 959 9.16 -28.06 -11.70
C PHE A 959 8.33 -28.74 -12.80
N ARG A 960 7.07 -28.32 -12.96
CA ARG A 960 6.20 -28.83 -14.01
C ARG A 960 5.31 -27.72 -14.54
N ALA A 961 4.87 -27.84 -15.80
CA ALA A 961 3.99 -26.87 -16.45
C ALA A 961 2.62 -26.85 -15.80
N ARG A 962 1.89 -25.77 -16.06
CA ARG A 962 0.47 -25.70 -15.78
C ARG A 962 -0.30 -26.30 -16.96
N TYR A 963 -1.54 -26.69 -16.69
CA TYR A 963 -2.37 -27.41 -17.67
C TYR A 963 -3.77 -26.79 -17.74
N SER A 964 -4.28 -26.70 -18.97
CA SER A 964 -5.66 -26.44 -19.18
C SER A 964 -6.33 -27.81 -19.42
N ARG A 965 -7.63 -27.88 -19.10
CA ARG A 965 -8.46 -29.07 -19.34
C ARG A 965 -9.72 -28.63 -20.10
N CYS A 966 -9.98 -29.27 -21.23
CA CYS A 966 -11.13 -28.94 -22.03
C CYS A 966 -11.47 -30.12 -22.96
N THR A 967 -12.69 -30.12 -23.51
CA THR A 967 -13.16 -31.16 -24.43
C THR A 967 -12.72 -30.78 -25.84
N PRO A 968 -12.56 -31.75 -26.76
CA PRO A 968 -12.13 -31.45 -28.13
C PRO A 968 -12.96 -30.40 -28.90
N SER A 969 -14.27 -30.34 -28.62
CA SER A 969 -15.18 -29.34 -29.19
C SER A 969 -14.62 -27.92 -29.01
N GLU A 970 -13.99 -27.64 -27.86
CA GLU A 970 -13.74 -26.26 -27.41
C GLU A 970 -12.25 -25.86 -27.53
N LEU A 971 -11.39 -26.75 -28.06
CA LEU A 971 -10.04 -26.39 -28.49
C LEU A 971 -10.11 -25.29 -29.56
N THR A 972 -9.35 -24.21 -29.33
CA THR A 972 -9.22 -23.10 -30.23
C THR A 972 -7.86 -23.18 -30.93
N GLU A 973 -7.76 -22.47 -32.06
CA GLU A 973 -6.52 -22.21 -32.79
C GLU A 973 -5.43 -21.77 -31.79
N LYS A 974 -5.83 -20.90 -30.86
CA LYS A 974 -5.00 -20.32 -29.80
C LYS A 974 -4.31 -21.43 -28.98
N ASN A 975 -5.04 -22.51 -28.67
CA ASN A 975 -4.50 -23.64 -27.90
C ASN A 975 -3.53 -24.45 -28.75
N ARG A 976 -3.96 -24.80 -29.97
CA ARG A 976 -3.11 -25.58 -30.88
C ARG A 976 -1.78 -24.83 -31.09
N LYS A 977 -1.87 -23.53 -31.41
CA LYS A 977 -0.70 -22.64 -31.62
C LYS A 977 0.20 -22.65 -30.38
N GLU A 978 -0.41 -22.46 -29.21
CA GLU A 978 0.35 -22.43 -27.96
C GLU A 978 1.15 -23.74 -27.82
N ILE A 979 0.46 -24.89 -27.99
CA ILE A 979 1.12 -26.21 -27.83
C ILE A 979 2.28 -26.35 -28.81
N LEU A 980 2.15 -25.78 -30.02
CA LEU A 980 3.22 -25.82 -31.02
C LEU A 980 4.40 -24.92 -30.60
N SER A 981 4.11 -23.75 -30.01
CA SER A 981 5.15 -22.79 -29.53
C SER A 981 6.05 -23.48 -28.50
N PHE A 982 5.47 -24.36 -27.70
CA PHE A 982 6.17 -25.17 -26.71
C PHE A 982 7.05 -26.27 -27.32
N LEU A 983 6.75 -26.72 -28.55
CA LEU A 983 7.53 -27.78 -29.20
C LEU A 983 8.60 -27.17 -30.10
N SER A 984 8.58 -25.85 -30.22
CA SER A 984 9.58 -25.08 -30.92
C SER A 984 10.95 -25.32 -30.27
N ASP A 985 11.95 -25.42 -31.14
CA ASP A 985 13.33 -25.73 -30.83
C ASP A 985 14.02 -24.48 -30.23
N LYS A 986 13.44 -23.30 -30.47
CA LYS A 986 14.09 -22.01 -30.19
C LYS A 986 14.23 -21.86 -28.68
N PRO A 987 15.48 -21.60 -28.17
CA PRO A 987 15.73 -21.42 -26.74
C PRO A 987 15.10 -20.12 -26.22
N SER A 988 14.96 -20.06 -24.91
CA SER A 988 14.45 -18.88 -24.24
C SER A 988 15.24 -18.67 -22.94
N LYS A 989 15.22 -17.43 -22.46
CA LYS A 989 15.81 -17.01 -21.19
C LYS A 989 14.76 -17.08 -20.07
N ARG A 990 13.50 -17.43 -20.40
CA ARG A 990 12.45 -17.71 -19.37
C ARG A 990 12.66 -19.15 -18.91
N PRO A 991 13.09 -19.44 -17.66
CA PRO A 991 13.36 -20.82 -17.27
C PRO A 991 12.09 -21.70 -17.30
N THR A 992 10.89 -21.10 -17.15
CA THR A 992 9.65 -21.86 -17.18
C THR A 992 9.40 -22.43 -18.57
N ASN A 993 9.95 -21.80 -19.62
CA ASN A 993 9.74 -22.29 -20.97
C ASN A 993 9.97 -23.81 -20.99
N ALA A 994 11.06 -24.22 -20.35
CA ALA A 994 11.49 -25.60 -20.43
C ALA A 994 10.42 -26.51 -19.80
N TYR A 995 9.63 -25.99 -18.86
CA TYR A 995 8.59 -26.81 -18.24
C TYR A 995 7.47 -27.08 -19.27
N TYR A 996 7.09 -26.05 -20.01
CA TYR A 996 6.04 -26.13 -21.01
C TYR A 996 6.47 -27.05 -22.15
N ASN A 997 7.75 -26.97 -22.52
CA ASN A 997 8.32 -27.85 -23.51
C ASN A 997 8.30 -29.31 -23.01
N GLU A 998 8.53 -29.57 -21.72
CA GLU A 998 8.44 -30.95 -21.19
C GLU A 998 6.97 -31.38 -21.24
N GLY A 999 6.08 -30.47 -20.85
CA GLY A 999 4.65 -30.69 -20.85
C GLY A 999 4.10 -31.04 -22.23
N ALA A 1000 4.59 -30.35 -23.27
CA ALA A 1000 4.13 -30.57 -24.64
C ALA A 1000 4.68 -31.88 -25.18
N MSE A 1001 5.91 -32.22 -24.79
CA MSE A 1001 6.50 -33.51 -25.16
C MSE A 1001 5.70 -34.63 -24.50
O MSE A 1001 5.48 -35.66 -25.12
CB MSE A 1001 7.95 -33.73 -24.75
CG MSE A 1001 9.02 -32.94 -25.54
SE MSE A 1001 8.98 -33.33 -27.49
CE MSE A 1001 9.89 -35.09 -27.47
N ALA A 1002 5.32 -34.44 -23.22
CA ALA A 1002 4.65 -35.47 -22.45
C ALA A 1002 3.19 -35.60 -22.92
N PHE A 1003 2.68 -34.52 -23.51
CA PHE A 1003 1.38 -34.47 -24.09
C PHE A 1003 1.31 -35.37 -25.31
N LEU A 1004 2.36 -35.36 -26.12
CA LEU A 1004 2.39 -36.14 -27.34
C LEU A 1004 2.49 -37.62 -26.97
N ALA A 1005 3.44 -37.94 -26.09
CA ALA A 1005 3.75 -39.29 -25.72
C ALA A 1005 2.46 -39.96 -25.19
N THR A 1006 1.78 -39.26 -24.29
CA THR A 1006 0.74 -39.82 -23.46
C THR A 1006 -0.53 -40.10 -24.30
N TYR A 1007 -0.86 -39.22 -25.27
CA TYR A 1007 -1.94 -39.43 -26.23
C TYR A 1007 -1.44 -40.09 -27.54
N GLY A 1008 -0.24 -40.66 -27.53
CA GLY A 1008 0.33 -41.35 -28.68
C GLY A 1008 0.29 -40.54 -29.97
N LEU A 1009 0.59 -39.23 -29.89
CA LEU A 1009 0.66 -38.34 -31.06
C LEU A 1009 2.13 -38.13 -31.49
N LYS A 1010 2.28 -37.47 -32.64
CA LYS A 1010 3.54 -36.89 -33.05
C LYS A 1010 3.30 -35.41 -33.36
N LYS A 1011 4.40 -34.67 -33.51
CA LYS A 1011 4.29 -33.25 -33.77
C LYS A 1011 3.42 -33.06 -35.02
N ASN A 1012 3.55 -33.99 -35.98
CA ASN A 1012 2.97 -33.94 -37.34
C ASN A 1012 1.43 -34.03 -37.32
N ASP A 1013 0.85 -34.54 -36.22
CA ASP A 1013 -0.62 -34.67 -36.03
C ASP A 1013 -1.22 -33.33 -35.55
N VAL A 1014 -0.40 -32.50 -34.89
CA VAL A 1014 -0.83 -31.16 -34.45
C VAL A 1014 -0.36 -30.11 -35.46
N LEU A 1015 0.93 -30.20 -35.85
CA LEU A 1015 1.60 -29.19 -36.68
C LEU A 1015 0.94 -29.13 -38.05
N GLY A 1016 0.38 -27.96 -38.37
CA GLY A 1016 -0.01 -27.59 -39.74
C GLY A 1016 -1.44 -28.01 -40.09
N VAL A 1017 -1.85 -29.20 -39.61
CA VAL A 1017 -3.14 -29.83 -39.93
C VAL A 1017 -4.28 -28.91 -39.43
N SER A 1018 -5.40 -28.95 -40.16
CA SER A 1018 -6.60 -28.17 -39.86
C SER A 1018 -6.95 -28.25 -38.37
N LEU A 1019 -7.29 -27.11 -37.75
CA LEU A 1019 -7.79 -27.12 -36.39
C LEU A 1019 -8.84 -28.24 -36.26
N GLU A 1020 -9.87 -28.18 -37.10
CA GLU A 1020 -11.03 -29.08 -36.99
C GLU A 1020 -10.56 -30.55 -36.94
N LYS A 1021 -9.54 -30.88 -37.74
CA LYS A 1021 -9.00 -32.25 -37.84
C LYS A 1021 -8.30 -32.62 -36.52
N PHE A 1022 -7.65 -31.64 -35.89
CA PHE A 1022 -7.00 -31.80 -34.60
C PHE A 1022 -8.03 -32.19 -33.54
N LYS A 1023 -9.18 -31.49 -33.57
CA LYS A 1023 -10.28 -31.73 -32.65
C LYS A 1023 -10.76 -33.18 -32.85
N GLN A 1024 -10.93 -33.55 -34.12
CA GLN A 1024 -11.32 -34.91 -34.47
C GLN A 1024 -10.27 -35.87 -33.91
N ILE A 1025 -8.99 -35.59 -34.14
CA ILE A 1025 -7.98 -36.56 -33.71
C ILE A 1025 -8.07 -36.74 -32.20
N MSE A 1026 -8.32 -35.66 -31.47
CA MSE A 1026 -8.36 -35.74 -30.01
C MSE A 1026 -9.60 -36.54 -29.60
O MSE A 1026 -9.52 -37.40 -28.72
CB MSE A 1026 -8.34 -34.34 -29.42
CG MSE A 1026 -6.97 -33.66 -29.58
SE MSE A 1026 -5.42 -34.72 -28.97
CE MSE A 1026 -5.86 -34.89 -27.07
N ALA A 1027 -10.72 -36.25 -30.26
CA ALA A 1027 -12.00 -36.87 -29.98
C ALA A 1027 -11.89 -38.39 -30.13
N ASN A 1028 -11.26 -38.85 -31.20
CA ASN A 1028 -11.14 -40.30 -31.43
C ASN A 1028 -10.33 -40.90 -30.28
N ILE A 1029 -9.24 -40.24 -29.86
CA ILE A 1029 -8.32 -40.80 -28.84
C ILE A 1029 -9.06 -40.84 -27.49
N LEU A 1030 -9.74 -39.74 -27.16
CA LEU A 1030 -10.42 -39.63 -25.88
C LEU A 1030 -11.55 -40.68 -25.80
N HIS A 1031 -12.30 -40.86 -26.90
CA HIS A 1031 -13.50 -41.70 -26.92
C HIS A 1031 -13.08 -43.17 -26.67
N GLN A 1032 -12.06 -43.62 -27.40
CA GLN A 1032 -11.45 -44.94 -27.18
C GLN A 1032 -11.05 -45.15 -25.72
N ARG A 1033 -10.61 -44.08 -25.03
CA ARG A 1033 -10.14 -44.12 -23.62
C ARG A 1033 -11.30 -43.87 -22.64
N SER A 1034 -12.49 -43.61 -23.18
CA SER A 1034 -13.68 -43.14 -22.43
C SER A 1034 -13.24 -42.06 -21.44
N GLU A 1035 -12.77 -40.94 -22.02
CA GLU A 1035 -12.52 -39.69 -21.29
C GLU A 1035 -13.18 -38.54 -22.06
N ASP A 1036 -13.64 -37.53 -21.31
CA ASP A 1036 -14.37 -36.39 -21.85
C ASP A 1036 -13.42 -35.27 -22.25
N GLN A 1037 -12.23 -35.27 -21.64
CA GLN A 1037 -11.39 -34.09 -21.56
C GLN A 1037 -9.91 -34.49 -21.70
N LEU A 1038 -9.24 -33.74 -22.57
CA LEU A 1038 -7.80 -33.72 -22.68
C LEU A 1038 -7.25 -32.64 -21.76
N LEU A 1039 -6.09 -32.95 -21.17
CA LEU A 1039 -5.19 -31.97 -20.55
C LEU A 1039 -4.19 -31.51 -21.61
N PHE A 1040 -3.92 -30.19 -21.67
CA PHE A 1040 -2.76 -29.70 -22.42
C PHE A 1040 -1.98 -28.64 -21.62
N PRO A 1041 -0.65 -28.52 -21.81
CA PRO A 1041 0.16 -27.51 -21.13
C PRO A 1041 -0.21 -26.12 -21.65
N SER A 1042 -0.51 -25.20 -20.75
CA SER A 1042 -0.90 -23.80 -21.12
C SER A 1042 -0.45 -22.85 -20.01
N ARG A 1043 0.21 -21.74 -20.40
CA ARG A 1043 0.63 -20.73 -19.43
C ARG A 1043 -0.65 -20.19 -18.79
N GLY A 1044 -0.64 -20.12 -17.46
CA GLY A 1044 -1.78 -19.61 -16.68
C GLY A 1044 -2.86 -20.66 -16.48
N GLY A 1045 -2.55 -21.93 -16.78
CA GLY A 1045 -3.56 -22.99 -16.76
C GLY A 1045 -4.11 -23.22 -15.37
N MSE A 1046 -5.39 -23.66 -15.32
CA MSE A 1046 -6.08 -23.99 -14.08
C MSE A 1046 -5.52 -25.16 -13.27
O MSE A 1046 -5.71 -25.24 -12.05
CB MSE A 1046 -7.49 -24.35 -14.45
CG MSE A 1046 -8.30 -23.11 -14.77
SE MSE A 1046 -9.37 -22.66 -13.16
CE MSE A 1046 -10.98 -22.17 -14.20
N PHE A 1047 -4.83 -26.10 -13.93
CA PHE A 1047 -4.52 -27.35 -13.27
C PHE A 1047 -3.00 -27.61 -13.20
N TYR A 1048 -2.61 -28.33 -12.14
CA TYR A 1048 -1.26 -28.81 -11.92
C TYR A 1048 -1.21 -30.29 -11.50
N LEU A 1049 -0.30 -31.03 -12.15
CA LEU A 1049 -0.08 -32.45 -11.97
C LEU A 1049 0.91 -32.69 -10.82
N ALA A 1050 0.32 -32.79 -9.62
CA ALA A 1050 1.04 -32.81 -8.40
C ALA A 1050 1.26 -34.26 -7.98
N THR A 1051 2.33 -34.45 -7.22
CA THR A 1051 2.70 -35.73 -6.73
C THR A 1051 1.76 -36.12 -5.60
N TYR A 1052 1.56 -35.21 -4.65
CA TYR A 1052 0.70 -35.39 -3.53
C TYR A 1052 -0.68 -34.80 -3.85
N LYS A 1053 -1.67 -35.25 -3.07
CA LYS A 1053 -3.07 -34.88 -3.28
C LYS A 1053 -3.36 -33.64 -2.42
N LEU A 1054 -3.19 -32.49 -3.05
CA LEU A 1054 -3.15 -31.21 -2.35
C LEU A 1054 -4.45 -30.43 -2.56
N ASP A 1055 -5.31 -30.93 -3.47
CA ASP A 1055 -6.69 -30.46 -3.78
C ASP A 1055 -7.67 -31.58 -3.40
N ALA A 1056 -8.54 -31.36 -2.41
CA ALA A 1056 -9.34 -32.47 -1.81
C ALA A 1056 -10.21 -33.16 -2.88
N ASP A 1057 -10.44 -32.45 -3.99
CA ASP A 1057 -11.28 -32.87 -5.10
C ASP A 1057 -10.45 -33.29 -6.33
N ALA A 1058 -9.14 -33.50 -6.18
CA ALA A 1058 -8.34 -33.93 -7.30
C ALA A 1058 -8.73 -35.35 -7.72
N THR A 1059 -8.60 -35.61 -9.04
CA THR A 1059 -8.68 -36.93 -9.61
C THR A 1059 -7.26 -37.37 -9.99
N SER A 1060 -7.05 -38.67 -10.15
CA SER A 1060 -5.72 -39.23 -10.51
C SER A 1060 -5.61 -39.36 -12.03
N VAL A 1061 -4.38 -39.33 -12.54
CA VAL A 1061 -4.19 -39.48 -13.97
C VAL A 1061 -2.84 -40.15 -14.24
N ASN A 1062 -2.78 -40.90 -15.33
CA ASN A 1062 -1.52 -41.42 -15.81
C ASN A 1062 -1.03 -40.41 -16.85
N TRP A 1063 0.09 -39.77 -16.54
CA TRP A 1063 0.57 -38.75 -17.46
C TRP A 1063 2.01 -39.09 -17.83
N ASN A 1064 2.21 -39.54 -19.06
CA ASN A 1064 3.52 -39.96 -19.56
C ASN A 1064 4.05 -41.13 -18.73
N GLY A 1065 3.20 -42.07 -18.28
CA GLY A 1065 3.65 -43.23 -17.48
C GLY A 1065 3.97 -42.92 -16.00
N LYS A 1066 3.54 -41.77 -15.49
CA LYS A 1066 3.68 -41.44 -14.08
C LYS A 1066 2.31 -41.06 -13.52
N GLN A 1067 2.14 -41.22 -12.21
CA GLN A 1067 0.87 -40.98 -11.54
C GLN A 1067 0.93 -39.69 -10.74
N PHE A 1068 0.07 -38.74 -11.14
CA PHE A 1068 -0.11 -37.43 -10.50
C PHE A 1068 -1.60 -37.17 -10.22
N TRP A 1069 -1.84 -36.31 -9.23
CA TRP A 1069 -3.17 -35.78 -8.97
C TRP A 1069 -3.37 -34.48 -9.77
N VAL A 1070 -4.58 -34.33 -10.31
CA VAL A 1070 -4.91 -33.20 -11.11
C VAL A 1070 -5.51 -32.15 -10.19
N CYS A 1071 -4.66 -31.26 -9.67
CA CYS A 1071 -5.06 -30.32 -8.65
C CYS A 1071 -5.37 -28.97 -9.30
N ASN A 1072 -6.22 -28.18 -8.62
CA ASN A 1072 -6.33 -26.75 -8.94
C ASN A 1072 -4.93 -26.16 -8.81
N ALA A 1073 -4.45 -25.51 -9.88
CA ALA A 1073 -3.07 -24.93 -9.98
C ALA A 1073 -2.79 -23.96 -8.81
N ASP A 1074 -3.81 -23.23 -8.35
CA ASP A 1074 -3.65 -22.20 -7.30
C ASP A 1074 -3.58 -22.81 -5.90
N LEU A 1075 -4.30 -23.91 -5.66
CA LEU A 1075 -4.21 -24.60 -4.37
C LEU A 1075 -2.80 -25.17 -4.23
N VAL A 1076 -2.24 -25.59 -5.37
CA VAL A 1076 -0.83 -26.04 -5.42
C VAL A 1076 0.08 -24.85 -5.05
N ALA A 1077 -0.17 -23.68 -5.68
CA ALA A 1077 0.64 -22.45 -5.48
C ALA A 1077 0.65 -22.05 -4.01
N ALA A 1078 -0.49 -22.20 -3.33
CA ALA A 1078 -0.55 -21.77 -1.95
C ALA A 1078 0.37 -22.65 -1.08
N TYR A 1079 0.45 -23.95 -1.38
CA TYR A 1079 1.34 -24.84 -0.60
C TYR A 1079 2.81 -24.43 -0.82
N ASN A 1080 3.18 -24.12 -2.08
CA ASN A 1080 4.54 -23.67 -2.49
C ASN A 1080 4.88 -22.34 -1.78
N VAL A 1081 3.92 -21.43 -1.73
CA VAL A 1081 4.15 -20.19 -1.04
C VAL A 1081 4.46 -20.52 0.41
N GLY A 1082 3.74 -21.50 0.97
CA GLY A 1082 3.94 -21.91 2.36
C GLY A 1082 5.31 -22.49 2.61
N LEU A 1083 5.94 -23.05 1.57
CA LEU A 1083 7.15 -23.84 1.65
C LEU A 1083 8.41 -23.01 1.39
N VAL A 1084 8.26 -21.85 0.73
CA VAL A 1084 9.37 -20.90 0.45
C VAL A 1084 10.19 -20.72 1.72
N ASP A 1085 11.44 -21.20 1.70
CA ASP A 1085 12.38 -21.04 2.81
C ASP A 1085 11.74 -21.54 4.10
N ILE A 1086 10.92 -22.59 4.03
CA ILE A 1086 10.22 -23.07 5.24
C ILE A 1086 11.22 -23.40 6.35
N GLN A 1087 12.43 -23.84 6.00
CA GLN A 1087 13.40 -24.34 7.00
C GLN A 1087 13.86 -23.19 7.93
N LYS A 1088 13.92 -21.96 7.40
CA LYS A 1088 14.32 -20.75 8.15
C LYS A 1088 13.32 -20.40 9.27
N ASP A 1089 12.05 -20.76 9.10
CA ASP A 1089 11.00 -20.39 10.06
C ASP A 1089 11.03 -21.38 11.26
N PHE A 1090 12.04 -22.25 11.35
CA PHE A 1090 12.20 -23.18 12.51
C PHE A 1090 13.66 -23.40 12.92
N LYS A 1091 14.58 -22.56 12.42
CA LYS A 1091 16.02 -22.66 12.74
C LYS A 1091 16.32 -21.86 14.01
C1 CIT E . -21.42 20.26 30.29
O1 CIT E . -21.37 19.45 31.29
O2 CIT E . -21.26 19.95 29.11
C2 CIT E . -21.73 21.76 30.40
C3 CIT E . -22.64 21.81 31.59
O7 CIT E . -21.99 20.94 32.54
C4 CIT E . -22.54 23.25 32.17
C5 CIT E . -21.20 23.49 32.90
O3 CIT E . -21.15 24.18 33.94
O4 CIT E . -20.13 22.98 32.49
C6 CIT E . -24.03 21.21 31.20
O5 CIT E . -24.89 21.06 32.09
O6 CIT E . -24.38 20.80 30.04
#